data_6A9N
#
_entry.id   6A9N
#
_cell.length_a   105.518
_cell.length_b   105.518
_cell.length_c   326.933
_cell.angle_alpha   90.00
_cell.angle_beta   90.00
_cell.angle_gamma   120.00
#
_symmetry.space_group_name_H-M   'P 65 2 2'
#
loop_
_entity.id
_entity.type
_entity.pdbx_description
1 polymer '3-oxoacyl-[acyl-carrier-protein] synthase 3'
2 non-polymer 'POTASSIUM ION'
3 non-polymer GLYCEROL
4 water water
#
_entity_poly.entity_id   1
_entity_poly.type   'polypeptide(L)'
_entity_poly.pdbx_seq_one_letter_code
;HMTAIKTRPVHGYSKFLSTGSARGSRVVTNKEMCTLIDSTPEWIEQRTGITERRWATNSETVASMGTTAARTALERSGLE
ASQIDAIIVATVSHHRPSPSLAAYIARELGLGDAAAFDLNGAAAGFCYSTALADSMIRTGSANYVLVIGVEKLSEMTNLD
DRSTAFLFSDGAGAAIIGASDEPGIGPVVWGSRSDQLKTIELEDWPTASADPNKIHPLIRMEGRAVFKWAMTDVAKRAAE
AIAEAGITPADLDVFIPHQANDRITDVVSRHLKLPESVTVCHDIADMGNTSAASVPIAIDRMLQRGQAHSGDLALIIGFG
AGLVYAGQVIRLP
;
_entity_poly.pdbx_strand_id   A,B
#
# COMPACT_ATOMS: atom_id res chain seq x y z
N THR A 3 -6.86 -8.39 31.50
CA THR A 3 -7.23 -9.38 30.47
C THR A 3 -6.17 -9.45 29.36
N ALA A 4 -5.65 -10.66 29.11
CA ALA A 4 -4.60 -10.85 28.12
C ALA A 4 -5.17 -11.01 26.72
N ILE A 5 -4.40 -10.54 25.73
CA ILE A 5 -4.69 -10.76 24.31
C ILE A 5 -3.84 -11.93 23.83
N LYS A 6 -4.47 -12.91 23.20
CA LYS A 6 -3.71 -13.99 22.59
C LYS A 6 -3.35 -13.63 21.15
N THR A 7 -2.22 -14.14 20.68
CA THR A 7 -1.79 -13.92 19.31
C THR A 7 -1.59 -15.26 18.60
N ARG A 8 -1.42 -15.17 17.28
CA ARG A 8 -0.91 -16.33 16.57
C ARG A 8 0.60 -16.39 16.73
N PRO A 9 1.19 -17.58 16.71
CA PRO A 9 2.66 -17.66 16.81
C PRO A 9 3.36 -17.13 15.56
N VAL A 10 4.61 -16.70 15.73
CA VAL A 10 5.52 -16.58 14.60
C VAL A 10 6.05 -18.00 14.34
N HIS A 11 5.69 -18.61 13.20
CA HIS A 11 6.02 -20.01 12.96
C HIS A 11 6.44 -20.25 11.51
N GLY A 12 7.58 -20.92 11.32
CA GLY A 12 8.05 -21.22 9.99
C GLY A 12 8.58 -20.00 9.24
N TYR A 13 8.72 -20.19 7.94
CA TYR A 13 9.24 -19.15 7.04
C TYR A 13 8.34 -19.07 5.81
N SER A 14 8.86 -18.50 4.73
CA SER A 14 8.10 -18.50 3.49
C SER A 14 9.07 -18.61 2.31
N LYS A 15 8.50 -18.86 1.13
CA LYS A 15 9.32 -19.05 -0.05
C LYS A 15 8.50 -18.73 -1.30
N PHE A 16 9.20 -18.31 -2.35
CA PHE A 16 8.58 -18.19 -3.67
C PHE A 16 8.19 -19.56 -4.18
N LEU A 17 6.94 -19.71 -4.62
CA LEU A 17 6.48 -20.96 -5.23
C LEU A 17 6.48 -20.91 -6.76
N SER A 18 6.31 -19.73 -7.34
CA SER A 18 6.20 -19.61 -8.80
C SER A 18 6.24 -18.14 -9.17
N THR A 19 6.49 -17.89 -10.45
CA THR A 19 6.51 -16.56 -11.03
C THR A 19 5.70 -16.55 -12.32
N GLY A 20 5.42 -15.34 -12.80
CA GLY A 20 4.81 -15.13 -14.10
C GLY A 20 4.96 -13.67 -14.48
N SER A 21 4.88 -13.40 -15.77
CA SER A 21 5.01 -12.01 -16.21
C SER A 21 4.20 -11.78 -17.47
N ALA A 22 3.81 -10.52 -17.65
CA ALA A 22 3.07 -10.11 -18.84
C ALA A 22 3.53 -8.70 -19.19
N ARG A 23 4.48 -8.60 -20.10
CA ARG A 23 4.93 -7.28 -20.54
C ARG A 23 3.95 -6.70 -21.56
N GLY A 24 4.03 -5.37 -21.74
CA GLY A 24 3.31 -4.77 -22.85
C GLY A 24 3.70 -5.42 -24.17
N SER A 25 2.73 -5.52 -25.09
CA SER A 25 2.93 -6.23 -26.34
C SER A 25 3.57 -5.40 -27.44
N ARG A 26 3.64 -4.08 -27.31
CA ARG A 26 4.16 -3.23 -28.37
C ARG A 26 5.66 -3.04 -28.20
N VAL A 27 6.44 -3.49 -29.18
CA VAL A 27 7.89 -3.30 -29.15
C VAL A 27 8.18 -1.92 -29.71
N VAL A 28 8.87 -1.09 -28.93
CA VAL A 28 9.29 0.24 -29.35
C VAL A 28 10.82 0.25 -29.39
N THR A 29 11.40 0.17 -30.57
CA THR A 29 12.85 0.23 -30.71
C THR A 29 13.33 1.66 -30.48
N ASN A 30 14.64 1.79 -30.24
CA ASN A 30 15.25 3.11 -30.18
C ASN A 30 15.05 3.87 -31.48
N LYS A 31 15.09 3.17 -32.62
CA LYS A 31 14.83 3.80 -33.91
C LYS A 31 13.45 4.47 -33.91
N GLU A 32 12.39 3.72 -33.59
CA GLU A 32 11.07 4.35 -33.51
C GLU A 32 11.01 5.41 -32.43
N MET A 33 11.67 5.18 -31.29
CA MET A 33 11.67 6.16 -30.22
C MET A 33 12.25 7.49 -30.71
N CYS A 34 13.27 7.44 -31.57
CA CYS A 34 13.93 8.66 -31.99
C CYS A 34 13.14 9.45 -33.04
N THR A 35 12.04 8.89 -33.54
CA THR A 35 11.07 9.70 -34.27
C THR A 35 10.05 10.37 -33.36
N LEU A 36 9.93 9.92 -32.10
CA LEU A 36 9.02 10.53 -31.14
C LEU A 36 9.70 11.58 -30.27
N ILE A 37 11.02 11.46 -30.08
CA ILE A 37 11.81 12.38 -29.29
C ILE A 37 13.01 12.82 -30.12
N ASP A 38 13.67 13.87 -29.67
CA ASP A 38 14.88 14.35 -30.34
C ASP A 38 16.08 13.76 -29.60
N SER A 39 16.57 12.64 -30.11
CA SER A 39 17.71 11.94 -29.55
C SER A 39 18.19 10.95 -30.62
N THR A 40 19.22 10.18 -30.29
CA THR A 40 19.68 9.19 -31.26
C THR A 40 19.74 7.81 -30.62
N PRO A 41 19.59 6.75 -31.41
CA PRO A 41 19.58 5.40 -30.81
C PRO A 41 20.88 5.03 -30.13
N GLU A 42 22.01 5.51 -30.62
CA GLU A 42 23.27 5.13 -30.00
C GLU A 42 23.59 5.95 -28.77
N TRP A 43 23.04 7.16 -28.65
CA TRP A 43 23.13 7.86 -27.39
C TRP A 43 22.35 7.13 -26.30
N ILE A 44 21.10 6.76 -26.60
CA ILE A 44 20.28 6.00 -25.66
C ILE A 44 21.02 4.75 -25.20
N GLU A 45 21.44 3.91 -26.14
CA GLU A 45 22.12 2.67 -25.78
C GLU A 45 23.38 2.94 -24.98
N GLN A 46 24.13 3.98 -25.36
CA GLN A 46 25.37 4.31 -24.65
C GLN A 46 25.10 4.71 -23.21
N ARG A 47 24.09 5.55 -22.99
CA ARG A 47 23.81 6.10 -21.67
C ARG A 47 23.08 5.14 -20.75
N THR A 48 22.34 4.16 -21.31
CA THR A 48 21.51 3.29 -20.48
C THR A 48 21.65 1.81 -20.74
N GLY A 49 22.11 1.39 -21.92
CA GLY A 49 22.03 0.00 -22.29
C GLY A 49 20.72 -0.41 -22.92
N ILE A 50 19.75 0.49 -23.01
CA ILE A 50 18.46 0.20 -23.63
C ILE A 50 18.60 0.21 -25.14
N THR A 51 18.15 -0.85 -25.80
CA THR A 51 17.99 -0.84 -27.25
C THR A 51 16.54 -0.84 -27.69
N GLU A 52 15.63 -1.38 -26.88
CA GLU A 52 14.21 -1.32 -27.13
C GLU A 52 13.48 -1.44 -25.79
N ARG A 53 12.18 -1.16 -25.79
CA ARG A 53 11.36 -1.33 -24.60
C ARG A 53 9.95 -1.72 -25.01
N ARG A 54 9.18 -2.23 -24.04
CA ARG A 54 7.81 -2.65 -24.27
C ARG A 54 6.85 -1.59 -23.78
N TRP A 55 5.85 -1.27 -24.60
CA TRP A 55 4.72 -0.44 -24.17
C TRP A 55 3.46 -1.28 -24.29
N ALA A 56 2.53 -1.01 -23.38
CA ALA A 56 1.23 -1.65 -23.43
C ALA A 56 0.39 -1.03 -24.55
N THR A 57 -0.39 -1.86 -25.23
CA THR A 57 -1.40 -1.32 -26.15
C THR A 57 -2.55 -0.72 -25.36
N ASN A 58 -3.47 -0.07 -26.08
CA ASN A 58 -4.62 0.53 -25.40
C ASN A 58 -5.52 -0.51 -24.74
N SER A 59 -5.38 -1.79 -25.10
CA SER A 59 -6.15 -2.88 -24.50
C SER A 59 -5.45 -3.53 -23.33
N GLU A 60 -4.18 -3.22 -23.08
CA GLU A 60 -3.42 -3.80 -21.98
C GLU A 60 -3.39 -2.75 -20.88
N THR A 61 -4.21 -2.95 -19.87
CA THR A 61 -4.32 -2.08 -18.71
C THR A 61 -3.50 -2.70 -17.59
N VAL A 62 -3.30 -1.93 -16.51
CA VAL A 62 -2.58 -2.53 -15.40
C VAL A 62 -3.38 -3.69 -14.82
N ALA A 63 -4.71 -3.62 -14.89
CA ALA A 63 -5.51 -4.74 -14.40
C ALA A 63 -5.38 -5.98 -15.30
N SER A 64 -5.36 -5.80 -16.63
CA SER A 64 -5.27 -6.97 -17.50
C SER A 64 -3.86 -7.57 -17.50
N MET A 65 -2.81 -6.73 -17.51
CA MET A 65 -1.46 -7.26 -17.41
C MET A 65 -1.22 -7.95 -16.07
N GLY A 66 -1.63 -7.30 -14.98
CA GLY A 66 -1.50 -7.92 -13.66
C GLY A 66 -2.26 -9.24 -13.56
N THR A 67 -3.49 -9.28 -14.07
CA THR A 67 -4.25 -10.52 -14.07
C THR A 67 -3.55 -11.60 -14.88
N THR A 68 -3.00 -11.23 -16.05
CA THR A 68 -2.33 -12.22 -16.89
C THR A 68 -1.11 -12.80 -16.20
N ALA A 69 -0.25 -11.93 -15.66
CA ALA A 69 0.93 -12.42 -14.96
C ALA A 69 0.53 -13.31 -13.79
N ALA A 70 -0.53 -12.94 -13.07
CA ALA A 70 -0.96 -13.69 -11.90
C ALA A 70 -1.52 -15.05 -12.29
N ARG A 71 -2.28 -15.12 -13.40
CA ARG A 71 -2.80 -16.41 -13.84
C ARG A 71 -1.69 -17.38 -14.17
N THR A 72 -0.62 -16.87 -14.80
CA THR A 72 0.54 -17.70 -15.12
C THR A 72 1.23 -18.20 -13.86
N ALA A 73 1.45 -17.32 -12.88
CA ALA A 73 2.01 -17.75 -11.61
C ALA A 73 1.10 -18.77 -10.95
N LEU A 74 -0.21 -18.54 -10.98
CA LEU A 74 -1.14 -19.46 -10.35
C LEU A 74 -1.09 -20.85 -10.99
N GLU A 75 -1.17 -20.91 -12.31
CA GLU A 75 -1.08 -22.19 -13.00
C GLU A 75 0.21 -22.92 -12.66
N ARG A 76 1.33 -22.20 -12.65
CA ARG A 76 2.63 -22.82 -12.38
C ARG A 76 2.75 -23.27 -10.93
N SER A 77 2.04 -22.65 -10.01
CA SER A 77 2.16 -23.03 -8.61
C SER A 77 1.44 -24.34 -8.30
N GLY A 78 0.56 -24.82 -9.17
CA GLY A 78 -0.24 -25.96 -8.80
C GLY A 78 -1.33 -25.70 -7.77
N LEU A 79 -1.42 -24.48 -7.22
CA LEU A 79 -2.51 -24.11 -6.32
C LEU A 79 -3.80 -23.87 -7.08
N GLU A 80 -4.91 -23.96 -6.35
CA GLU A 80 -6.21 -23.48 -6.83
C GLU A 80 -6.40 -22.02 -6.41
N ALA A 81 -7.14 -21.27 -7.22
CA ALA A 81 -7.38 -19.86 -6.93
C ALA A 81 -8.00 -19.68 -5.55
N SER A 82 -8.85 -20.63 -5.13
CA SER A 82 -9.50 -20.55 -3.83
C SER A 82 -8.52 -20.63 -2.68
N GLN A 83 -7.29 -21.09 -2.92
CA GLN A 83 -6.30 -21.20 -1.86
C GLN A 83 -5.54 -19.91 -1.62
N ILE A 84 -5.56 -18.97 -2.57
CA ILE A 84 -4.90 -17.68 -2.35
C ILE A 84 -5.68 -16.91 -1.30
N ASP A 85 -5.01 -16.47 -0.24
CA ASP A 85 -5.70 -15.70 0.77
C ASP A 85 -5.05 -14.35 1.05
N ALA A 86 -4.15 -13.88 0.18
CA ALA A 86 -3.73 -12.49 0.20
C ALA A 86 -3.24 -12.12 -1.18
N ILE A 87 -3.52 -10.89 -1.61
CA ILE A 87 -3.00 -10.37 -2.86
C ILE A 87 -2.52 -8.95 -2.61
N ILE A 88 -1.28 -8.68 -2.97
CA ILE A 88 -0.64 -7.39 -2.79
C ILE A 88 -0.18 -6.91 -4.16
N VAL A 89 -0.55 -5.68 -4.52
CA VAL A 89 -0.21 -5.12 -5.81
C VAL A 89 0.63 -3.87 -5.57
N ALA A 90 1.84 -3.87 -6.10
CA ALA A 90 2.75 -2.73 -6.01
C ALA A 90 2.68 -1.97 -7.33
N THR A 91 2.20 -0.73 -7.27
CA THR A 91 2.03 0.03 -8.49
C THR A 91 1.96 1.52 -8.16
N VAL A 92 2.34 2.35 -9.13
CA VAL A 92 2.00 3.77 -9.13
C VAL A 92 1.10 4.11 -10.31
N SER A 93 0.59 3.09 -11.01
CA SER A 93 -0.13 3.27 -12.27
C SER A 93 -1.60 2.91 -12.18
N HIS A 94 -2.12 2.68 -10.98
CA HIS A 94 -3.55 2.44 -10.83
C HIS A 94 -4.18 3.80 -10.56
N HIS A 95 -4.76 4.40 -11.61
CA HIS A 95 -5.18 5.79 -11.53
C HIS A 95 -6.61 5.95 -11.04
N ARG A 96 -7.16 4.96 -10.45
CA ARG A 96 -8.45 5.06 -9.81
C ARG A 96 -8.24 5.12 -8.30
N PRO A 97 -8.82 6.08 -7.57
CA PRO A 97 -8.57 6.12 -6.12
C PRO A 97 -8.98 4.85 -5.40
N SER A 98 -10.12 4.27 -5.77
CA SER A 98 -10.70 3.20 -5.01
C SER A 98 -11.75 2.53 -5.88
N PRO A 99 -11.93 1.21 -5.82
CA PRO A 99 -11.14 0.29 -5.00
C PRO A 99 -9.75 0.03 -5.59
N SER A 100 -8.97 -0.76 -4.86
CA SER A 100 -7.57 -1.00 -5.21
C SER A 100 -7.48 -1.88 -6.46
N LEU A 101 -6.33 -1.80 -7.11
CA LEU A 101 -6.06 -2.72 -8.21
C LEU A 101 -6.03 -4.17 -7.72
N ALA A 102 -5.60 -4.39 -6.47
CA ALA A 102 -5.67 -5.73 -5.90
C ALA A 102 -7.10 -6.26 -5.93
N ALA A 103 -8.07 -5.41 -5.60
CA ALA A 103 -9.46 -5.85 -5.63
C ALA A 103 -9.91 -6.16 -7.05
N TYR A 104 -9.51 -5.35 -8.03
CA TYR A 104 -9.90 -5.63 -9.41
C TYR A 104 -9.29 -6.95 -9.89
N ILE A 105 -8.01 -7.19 -9.57
CA ILE A 105 -7.38 -8.42 -10.02
C ILE A 105 -7.97 -9.61 -9.29
N ALA A 106 -8.22 -9.46 -7.97
CA ALA A 106 -8.89 -10.53 -7.23
C ALA A 106 -10.20 -10.94 -7.90
N ARG A 107 -10.98 -9.95 -8.37
CA ARG A 107 -12.27 -10.27 -8.99
C ARG A 107 -12.07 -11.05 -10.29
N GLU A 108 -11.12 -10.63 -11.14
CA GLU A 108 -10.85 -11.34 -12.38
C GLU A 108 -10.45 -12.78 -12.12
N LEU A 109 -9.58 -13.00 -11.14
CA LEU A 109 -9.13 -14.34 -10.78
C LEU A 109 -10.18 -15.13 -10.02
N GLY A 110 -11.24 -14.49 -9.56
CA GLY A 110 -12.22 -15.18 -8.74
C GLY A 110 -11.67 -15.64 -7.41
N LEU A 111 -10.79 -14.86 -6.80
CA LEU A 111 -10.35 -15.20 -5.45
C LEU A 111 -11.54 -15.15 -4.48
N GLY A 112 -11.42 -15.92 -3.42
CA GLY A 112 -12.42 -15.83 -2.37
C GLY A 112 -12.03 -14.81 -1.32
N ASP A 113 -12.00 -15.24 -0.06
CA ASP A 113 -11.78 -14.35 1.08
C ASP A 113 -10.29 -14.07 1.27
N ALA A 114 -9.74 -13.25 0.38
CA ALA A 114 -8.33 -12.92 0.39
C ALA A 114 -8.13 -11.48 0.88
N ALA A 115 -7.15 -11.28 1.76
CA ALA A 115 -6.71 -9.92 2.08
C ALA A 115 -6.19 -9.26 0.80
N ALA A 116 -6.54 -7.99 0.60
CA ALA A 116 -6.28 -7.36 -0.69
C ALA A 116 -5.94 -5.90 -0.49
N PHE A 117 -4.75 -5.49 -0.90
CA PHE A 117 -4.40 -4.10 -0.81
C PHE A 117 -3.33 -3.77 -1.85
N ASP A 118 -3.31 -2.51 -2.26
CA ASP A 118 -2.25 -1.95 -3.09
C ASP A 118 -1.20 -1.31 -2.19
N LEU A 119 0.05 -1.33 -2.65
CA LEU A 119 1.15 -0.70 -1.95
C LEU A 119 1.86 0.25 -2.90
N ASN A 120 2.19 1.45 -2.42
CA ASN A 120 2.96 2.43 -3.18
C ASN A 120 4.34 2.55 -2.56
N GLY A 121 5.30 1.85 -3.15
CA GLY A 121 6.70 1.92 -2.78
C GLY A 121 7.59 2.30 -3.95
N ALA A 122 7.03 3.03 -4.93
CA ALA A 122 7.73 3.41 -6.15
C ALA A 122 8.42 2.20 -6.79
N ALA A 123 9.59 2.37 -7.39
CA ALA A 123 10.25 1.21 -7.99
C ALA A 123 10.67 0.16 -6.96
N ALA A 124 10.60 0.47 -5.67
CA ALA A 124 10.93 -0.50 -4.64
C ALA A 124 9.72 -1.35 -4.24
N GLY A 125 8.56 -1.17 -4.89
CA GLY A 125 7.32 -1.70 -4.35
C GLY A 125 7.26 -3.22 -4.30
N PHE A 126 7.84 -3.90 -5.30
CA PHE A 126 7.79 -5.36 -5.24
C PHE A 126 8.62 -5.89 -4.08
N CYS A 127 9.77 -5.29 -3.82
CA CYS A 127 10.59 -5.72 -2.70
C CYS A 127 9.94 -5.40 -1.35
N TYR A 128 9.32 -4.21 -1.24
CA TYR A 128 8.48 -3.91 -0.08
C TYR A 128 7.41 -4.97 0.11
N SER A 129 6.73 -5.34 -0.97
CA SER A 129 5.60 -6.26 -0.90
C SER A 129 6.04 -7.68 -0.56
N THR A 130 7.20 -8.10 -1.07
CA THR A 130 7.75 -9.42 -0.74
C THR A 130 8.01 -9.54 0.76
N ALA A 131 8.64 -8.51 1.34
CA ALA A 131 8.92 -8.50 2.78
C ALA A 131 7.64 -8.61 3.59
N LEU A 132 6.62 -7.84 3.20
CA LEU A 132 5.34 -7.93 3.90
C LEU A 132 4.73 -9.31 3.76
N ALA A 133 4.74 -9.89 2.55
CA ALA A 133 4.15 -11.21 2.37
C ALA A 133 4.80 -12.23 3.29
N ASP A 134 6.13 -12.20 3.39
CA ASP A 134 6.86 -13.08 4.29
C ASP A 134 6.41 -12.88 5.74
N SER A 135 6.30 -11.62 6.19
CA SER A 135 5.87 -11.37 7.55
C SER A 135 4.44 -11.85 7.80
N MET A 136 3.55 -11.64 6.82
CA MET A 136 2.17 -12.07 6.96
C MET A 136 2.08 -13.59 7.11
N ILE A 137 2.82 -14.31 6.27
CA ILE A 137 2.76 -15.77 6.31
C ILE A 137 3.33 -16.27 7.62
N ARG A 138 4.46 -15.69 8.06
CA ARG A 138 5.13 -16.17 9.26
C ARG A 138 4.36 -15.84 10.53
N THR A 139 3.53 -14.79 10.53
CA THR A 139 2.68 -14.50 11.69
C THR A 139 1.28 -15.06 11.54
N GLY A 140 1.03 -15.85 10.49
CA GLY A 140 -0.21 -16.59 10.35
C GLY A 140 -1.40 -15.81 9.84
N SER A 141 -1.21 -14.60 9.32
CA SER A 141 -2.35 -13.86 8.78
C SER A 141 -2.59 -14.16 7.31
N ALA A 142 -1.77 -15.02 6.69
CA ALA A 142 -1.93 -15.47 5.31
C ALA A 142 -1.15 -16.76 5.13
N ASN A 143 -1.51 -17.50 4.09
CA ASN A 143 -0.85 -18.77 3.77
C ASN A 143 -0.26 -18.80 2.37
N TYR A 144 -0.99 -18.27 1.39
CA TYR A 144 -0.51 -18.15 0.02
C TYR A 144 -0.77 -16.73 -0.45
N VAL A 145 0.31 -16.01 -0.74
CA VAL A 145 0.24 -14.58 -1.05
C VAL A 145 0.62 -14.38 -2.50
N LEU A 146 -0.28 -13.76 -3.25
CA LEU A 146 0.00 -13.36 -4.62
C LEU A 146 0.53 -11.93 -4.59
N VAL A 147 1.75 -11.73 -5.09
CA VAL A 147 2.42 -10.45 -5.08
C VAL A 147 2.66 -10.03 -6.53
N ILE A 148 2.18 -8.85 -6.91
CA ILE A 148 2.23 -8.37 -8.28
C ILE A 148 2.87 -6.99 -8.30
N GLY A 149 3.89 -6.81 -9.13
CA GLY A 149 4.35 -5.48 -9.52
C GLY A 149 3.92 -5.19 -10.94
N VAL A 150 3.23 -4.05 -11.13
CA VAL A 150 2.65 -3.74 -12.44
C VAL A 150 2.67 -2.23 -12.64
N GLU A 151 3.07 -1.81 -13.83
CA GLU A 151 3.16 -0.40 -14.17
C GLU A 151 2.77 -0.19 -15.62
N LYS A 152 2.26 0.99 -15.93
CA LYS A 152 2.05 1.44 -17.30
C LYS A 152 2.61 2.85 -17.40
N LEU A 153 3.93 2.94 -17.41
CA LEU A 153 4.59 4.23 -17.34
C LEU A 153 4.56 5.01 -18.65
N SER A 154 4.33 4.33 -19.78
CA SER A 154 4.30 5.06 -21.06
C SER A 154 3.29 6.20 -21.01
N GLU A 155 2.15 5.99 -20.35
CA GLU A 155 1.13 7.04 -20.25
C GLU A 155 1.64 8.29 -19.53
N MET A 156 2.61 8.15 -18.63
CA MET A 156 3.13 9.27 -17.87
C MET A 156 4.49 9.72 -18.36
N THR A 157 4.91 9.25 -19.53
CA THR A 157 6.22 9.60 -20.06
C THR A 157 6.15 10.93 -20.81
N ASN A 158 7.11 11.81 -20.52
CA ASN A 158 7.17 13.12 -21.17
C ASN A 158 8.01 12.99 -22.44
N LEU A 159 7.34 12.87 -23.59
CA LEU A 159 8.02 12.77 -24.87
C LEU A 159 8.77 14.04 -25.27
N ASP A 160 8.52 15.16 -24.59
CA ASP A 160 9.33 16.36 -24.80
C ASP A 160 10.52 16.45 -23.86
N ASP A 161 10.73 15.44 -23.02
CA ASP A 161 11.87 15.42 -22.10
C ASP A 161 12.84 14.35 -22.60
N ARG A 162 13.86 14.79 -23.34
CA ARG A 162 14.77 13.82 -23.93
C ARG A 162 15.63 13.11 -22.90
N SER A 163 15.75 13.66 -21.69
CA SER A 163 16.53 13.01 -20.65
C SER A 163 15.80 11.82 -20.03
N THR A 164 14.49 11.71 -20.19
CA THR A 164 13.74 10.60 -19.58
C THR A 164 12.83 9.84 -20.53
N ALA A 165 12.44 10.42 -21.67
CA ALA A 165 11.41 9.80 -22.51
C ALA A 165 11.76 8.37 -22.91
N PHE A 166 13.04 8.09 -23.13
CA PHE A 166 13.46 6.80 -23.63
C PHE A 166 13.59 5.72 -22.55
N LEU A 167 13.25 6.03 -21.30
CA LEU A 167 13.55 5.12 -20.18
C LEU A 167 12.45 4.11 -19.90
N PHE A 168 11.19 4.51 -19.96
CA PHE A 168 10.14 3.81 -19.22
C PHE A 168 9.35 2.86 -20.12
N SER A 169 8.77 1.86 -19.47
CA SER A 169 8.10 0.75 -20.13
C SER A 169 6.96 0.26 -19.25
N ASP A 170 6.25 -0.75 -19.74
CA ASP A 170 4.98 -1.20 -19.20
C ASP A 170 4.99 -2.71 -19.07
N GLY A 171 4.45 -3.21 -17.96
CA GLY A 171 4.31 -4.66 -17.80
C GLY A 171 3.96 -4.99 -16.37
N ALA A 172 3.67 -6.29 -16.16
CA ALA A 172 3.43 -6.84 -14.83
C ALA A 172 4.33 -8.05 -14.60
N GLY A 173 4.80 -8.20 -13.37
CA GLY A 173 5.39 -9.45 -12.93
C GLY A 173 4.73 -9.90 -11.65
N ALA A 174 4.62 -11.21 -11.49
CA ALA A 174 3.89 -11.74 -10.34
C ALA A 174 4.66 -12.91 -9.74
N ALA A 175 4.48 -13.09 -8.43
CA ALA A 175 5.00 -14.26 -7.74
C ALA A 175 3.95 -14.71 -6.74
N ILE A 176 3.91 -16.02 -6.49
CA ILE A 176 3.15 -16.58 -5.38
C ILE A 176 4.11 -17.02 -4.30
N ILE A 177 3.83 -16.61 -3.07
CA ILE A 177 4.68 -16.90 -1.92
C ILE A 177 3.87 -17.75 -0.94
N GLY A 178 4.50 -18.82 -0.43
CA GLY A 178 3.84 -19.72 0.49
C GLY A 178 4.74 -20.03 1.68
N ALA A 179 4.16 -20.73 2.66
CA ALA A 179 4.91 -21.08 3.85
C ALA A 179 6.01 -22.11 3.52
N SER A 180 7.05 -22.12 4.35
CA SER A 180 8.23 -22.93 4.11
C SER A 180 8.83 -23.40 5.43
N ASP A 181 9.40 -24.61 5.41
CA ASP A 181 10.12 -25.16 6.56
C ASP A 181 11.48 -24.52 6.75
N GLU A 182 12.08 -24.03 5.67
CA GLU A 182 13.38 -23.39 5.67
C GLU A 182 13.25 -21.98 5.10
N PRO A 183 14.12 -21.05 5.52
CA PRO A 183 14.02 -19.67 5.00
C PRO A 183 14.20 -19.61 3.49
N GLY A 184 13.17 -19.10 2.80
CA GLY A 184 13.27 -18.86 1.37
C GLY A 184 13.33 -17.37 1.05
N ILE A 185 13.05 -16.53 2.04
CA ILE A 185 13.10 -15.08 1.88
C ILE A 185 13.89 -14.50 3.04
N GLY A 186 15.02 -13.86 2.72
CA GLY A 186 15.88 -13.28 3.73
C GLY A 186 15.34 -11.95 4.24
N PRO A 187 16.01 -11.40 5.25
CA PRO A 187 15.50 -10.19 5.90
C PRO A 187 15.54 -9.01 4.96
N VAL A 188 14.50 -8.17 5.02
CA VAL A 188 14.47 -6.99 4.17
C VAL A 188 15.38 -5.92 4.75
N VAL A 189 16.16 -5.30 3.89
CA VAL A 189 16.84 -4.06 4.23
C VAL A 189 16.10 -2.96 3.45
N TRP A 190 15.36 -2.11 4.16
CA TRP A 190 14.54 -1.13 3.49
C TRP A 190 14.56 0.18 4.26
N GLY A 191 14.24 1.26 3.55
CA GLY A 191 14.20 2.56 4.18
C GLY A 191 13.86 3.65 3.19
N SER A 192 14.24 4.87 3.53
CA SER A 192 13.88 6.02 2.73
C SER A 192 14.87 7.14 3.01
N ARG A 193 14.91 8.11 2.08
CA ARG A 193 15.76 9.27 2.15
C ARG A 193 14.87 10.43 1.71
N SER A 194 13.89 10.78 2.55
CA SER A 194 12.85 11.69 2.13
C SER A 194 13.32 13.14 2.06
N ASP A 195 14.51 13.45 2.59
CA ASP A 195 15.11 14.75 2.37
C ASP A 195 15.60 14.90 0.94
N GLN A 196 15.63 13.82 0.17
CA GLN A 196 15.96 13.85 -1.25
C GLN A 196 14.73 13.71 -2.13
N LEU A 197 13.55 14.01 -1.59
CA LEU A 197 12.29 13.69 -2.26
C LEU A 197 12.19 14.31 -3.65
N LYS A 198 12.72 15.53 -3.83
CA LYS A 198 12.55 16.25 -5.09
C LYS A 198 13.30 15.60 -6.25
N THR A 199 14.10 14.58 -5.97
CA THR A 199 14.90 13.93 -7.01
C THR A 199 14.03 13.25 -8.07
N ILE A 200 12.92 12.65 -7.67
CA ILE A 200 11.96 12.03 -8.60
C ILE A 200 10.57 12.43 -8.15
N GLU A 201 9.86 13.17 -9.01
CA GLU A 201 8.53 13.62 -8.67
C GLU A 201 7.65 13.56 -9.90
N LEU A 202 6.48 12.96 -9.75
CA LEU A 202 5.48 12.96 -10.80
C LEU A 202 4.52 14.12 -10.56
N GLU A 203 3.93 14.64 -11.63
CA GLU A 203 2.95 15.70 -11.45
C GLU A 203 1.74 15.16 -10.71
N ASP A 204 1.01 16.06 -10.06
CA ASP A 204 -0.19 15.61 -9.37
C ASP A 204 -1.35 15.54 -10.34
N TRP A 205 -2.28 14.65 -10.06
CA TRP A 205 -3.44 14.48 -10.94
C TRP A 205 -4.31 15.74 -11.05
N PRO A 206 -4.60 16.50 -9.97
CA PRO A 206 -5.42 17.71 -10.16
C PRO A 206 -4.82 18.73 -11.12
N THR A 207 -3.50 18.85 -11.12
CA THR A 207 -2.82 19.71 -12.09
C THR A 207 -3.00 19.18 -13.51
N ALA A 208 -2.74 17.88 -13.72
CA ALA A 208 -3.00 17.30 -15.04
C ALA A 208 -4.46 17.45 -15.43
N SER A 209 -5.38 17.32 -14.47
CA SER A 209 -6.79 17.33 -14.80
C SER A 209 -7.24 18.69 -15.29
N ALA A 210 -6.69 19.78 -14.71
CA ALA A 210 -7.04 21.13 -15.12
C ALA A 210 -6.43 21.52 -16.45
N ASP A 211 -5.37 20.83 -16.88
CA ASP A 211 -4.69 21.18 -18.12
C ASP A 211 -5.47 20.65 -19.33
N PRO A 212 -5.95 21.50 -20.24
CA PRO A 212 -6.74 21.01 -21.37
C PRO A 212 -5.90 20.31 -22.44
N ASN A 213 -4.58 20.37 -22.34
CA ASN A 213 -3.70 19.78 -23.33
C ASN A 213 -3.17 18.39 -22.94
N LYS A 214 -3.52 17.86 -21.77
CA LYS A 214 -3.00 16.55 -21.38
C LYS A 214 -4.06 15.77 -20.61
N ILE A 215 -3.88 14.46 -20.57
CA ILE A 215 -4.70 13.60 -19.72
C ILE A 215 -3.91 13.26 -18.47
N HIS A 216 -2.71 12.64 -18.63
CA HIS A 216 -1.95 12.06 -17.54
C HIS A 216 -0.89 13.01 -17.00
N PRO A 217 -0.57 12.87 -15.71
CA PRO A 217 0.60 13.55 -15.15
C PRO A 217 1.89 12.93 -15.69
N LEU A 218 2.95 13.73 -15.66
CA LEU A 218 4.22 13.33 -16.26
C LEU A 218 5.27 13.04 -15.20
N ILE A 219 6.21 12.16 -15.57
CA ILE A 219 7.35 11.82 -14.73
C ILE A 219 8.43 12.88 -14.91
N ARG A 220 9.01 13.32 -13.79
CA ARG A 220 10.20 14.15 -13.79
C ARG A 220 11.27 13.47 -12.93
N MET A 221 12.53 13.51 -13.38
CA MET A 221 13.58 12.72 -12.76
C MET A 221 14.90 13.47 -12.92
N GLU A 222 15.66 13.58 -11.85
CA GLU A 222 17.00 14.15 -11.88
C GLU A 222 17.98 12.99 -11.95
N GLY A 223 18.25 12.53 -13.18
CA GLY A 223 19.01 11.30 -13.36
C GLY A 223 20.39 11.31 -12.76
N ARG A 224 21.05 12.47 -12.72
CA ARG A 224 22.39 12.52 -12.15
C ARG A 224 22.35 12.33 -10.64
N ALA A 225 21.37 12.96 -9.98
CA ALA A 225 21.19 12.73 -8.55
C ALA A 225 20.82 11.28 -8.26
N VAL A 226 19.97 10.68 -9.11
CA VAL A 226 19.58 9.28 -8.94
C VAL A 226 20.80 8.37 -8.99
N PHE A 227 21.66 8.57 -10.00
CA PHE A 227 22.83 7.70 -10.12
C PHE A 227 23.76 7.87 -8.93
N LYS A 228 23.97 9.11 -8.49
CA LYS A 228 24.85 9.34 -7.35
C LYS A 228 24.33 8.60 -6.12
N TRP A 229 23.02 8.67 -5.87
CA TRP A 229 22.41 7.98 -4.74
C TRP A 229 22.53 6.47 -4.90
N ALA A 230 22.21 5.96 -6.10
CA ALA A 230 22.30 4.52 -6.33
C ALA A 230 23.72 4.03 -6.12
N MET A 231 24.71 4.77 -6.66
CA MET A 231 26.10 4.34 -6.55
C MET A 231 26.59 4.38 -5.11
N THR A 232 26.13 5.37 -4.35
CA THR A 232 26.66 5.64 -3.01
C THR A 232 25.88 4.87 -1.93
N ASP A 233 24.62 5.18 -1.75
CA ASP A 233 23.86 4.66 -0.62
C ASP A 233 23.15 3.35 -0.94
N VAL A 234 22.50 3.24 -2.09
CA VAL A 234 21.79 1.99 -2.41
C VAL A 234 22.78 0.83 -2.46
N ALA A 235 23.95 1.05 -3.05
CA ALA A 235 24.96 -0.02 -3.10
C ALA A 235 25.27 -0.54 -1.70
N LYS A 236 25.33 0.34 -0.70
CA LYS A 236 25.59 -0.10 0.67
C LYS A 236 24.41 -0.86 1.25
N ARG A 237 23.17 -0.46 0.91
CA ARG A 237 22.02 -1.21 1.41
C ARG A 237 21.99 -2.61 0.79
N ALA A 238 22.37 -2.73 -0.48
CA ALA A 238 22.45 -4.04 -1.11
C ALA A 238 23.45 -4.95 -0.39
N ALA A 239 24.61 -4.41 -0.02
CA ALA A 239 25.60 -5.20 0.72
C ALA A 239 25.05 -5.64 2.08
N GLU A 240 24.30 -4.75 2.74
CA GLU A 240 23.66 -5.11 4.00
C GLU A 240 22.62 -6.21 3.81
N ALA A 241 21.85 -6.15 2.71
CA ALA A 241 20.85 -7.18 2.51
C ALA A 241 21.51 -8.55 2.37
N ILE A 242 22.67 -8.61 1.71
CA ILE A 242 23.39 -9.87 1.58
C ILE A 242 23.82 -10.37 2.96
N ALA A 243 24.42 -9.48 3.75
CA ALA A 243 24.92 -9.83 5.07
C ALA A 243 23.79 -10.30 5.99
N GLU A 244 22.67 -9.57 6.00
CA GLU A 244 21.54 -9.95 6.87
C GLU A 244 21.03 -11.35 6.54
N ALA A 245 21.20 -11.79 5.30
CA ALA A 245 20.81 -13.13 4.90
C ALA A 245 21.83 -14.19 5.32
N GLY A 246 22.96 -13.78 5.87
CA GLY A 246 23.95 -14.73 6.37
C GLY A 246 24.77 -15.39 5.29
N ILE A 247 25.03 -14.68 4.20
CA ILE A 247 25.85 -15.16 3.09
C ILE A 247 26.77 -14.03 2.67
N THR A 248 27.74 -14.39 1.84
CA THR A 248 28.64 -13.47 1.18
C THR A 248 28.18 -13.25 -0.25
N PRO A 249 28.69 -12.21 -0.93
CA PRO A 249 28.35 -12.02 -2.36
C PRO A 249 28.63 -13.24 -3.22
N ALA A 250 29.75 -13.92 -2.99
CA ALA A 250 30.08 -15.08 -3.82
C ALA A 250 29.12 -16.24 -3.65
N ASP A 251 28.32 -16.26 -2.56
CA ASP A 251 27.30 -17.28 -2.40
C ASP A 251 26.07 -17.02 -3.27
N LEU A 252 25.89 -15.78 -3.74
CA LEU A 252 24.78 -15.48 -4.63
C LEU A 252 24.94 -16.23 -5.94
N ASP A 253 23.82 -16.66 -6.50
CA ASP A 253 23.84 -17.12 -7.88
C ASP A 253 23.43 -16.04 -8.87
N VAL A 254 22.65 -15.05 -8.45
CA VAL A 254 22.17 -14.04 -9.37
C VAL A 254 21.93 -12.75 -8.61
N PHE A 255 22.14 -11.63 -9.31
CA PHE A 255 21.88 -10.29 -8.78
C PHE A 255 20.83 -9.66 -9.67
N ILE A 256 19.69 -9.28 -9.10
CA ILE A 256 18.60 -8.73 -9.89
C ILE A 256 18.18 -7.38 -9.30
N PRO A 257 18.92 -6.31 -9.59
CA PRO A 257 18.45 -4.98 -9.19
C PRO A 257 17.33 -4.51 -10.10
N HIS A 258 16.55 -3.58 -9.56
CA HIS A 258 15.69 -2.76 -10.40
C HIS A 258 16.48 -2.27 -11.60
N GLN A 259 15.89 -2.42 -12.79
CA GLN A 259 16.59 -2.11 -14.04
C GLN A 259 16.35 -0.63 -14.37
N ALA A 260 17.12 0.21 -13.73
CA ALA A 260 17.04 1.66 -13.97
C ALA A 260 18.06 2.12 -15.00
N ASN A 261 19.26 1.57 -14.95
CA ASN A 261 20.33 2.01 -15.81
C ASN A 261 21.46 0.98 -15.77
N ASP A 262 22.01 0.60 -16.92
CA ASP A 262 23.11 -0.34 -16.94
C ASP A 262 24.29 0.14 -16.12
N ARG A 263 24.58 1.45 -16.15
CA ARG A 263 25.67 1.97 -15.34
C ARG A 263 25.40 1.79 -13.86
N ILE A 264 24.15 1.96 -13.43
CA ILE A 264 23.82 1.73 -12.03
C ILE A 264 24.05 0.27 -11.67
N THR A 265 23.49 -0.65 -12.48
CA THR A 265 23.68 -2.08 -12.24
C THR A 265 25.16 -2.42 -12.15
N ASP A 266 25.97 -1.90 -13.08
CA ASP A 266 27.40 -2.21 -13.11
C ASP A 266 28.11 -1.69 -11.88
N VAL A 267 27.82 -0.46 -11.46
CA VAL A 267 28.57 0.13 -10.35
C VAL A 267 28.20 -0.55 -9.03
N VAL A 268 26.94 -0.96 -8.87
CA VAL A 268 26.55 -1.70 -7.67
C VAL A 268 27.21 -3.08 -7.67
N SER A 269 27.22 -3.77 -8.80
CA SER A 269 27.92 -5.06 -8.90
C SER A 269 29.37 -4.94 -8.45
N ARG A 270 30.05 -3.88 -8.86
CA ARG A 270 31.45 -3.74 -8.49
C ARG A 270 31.59 -3.44 -7.01
N HIS A 271 30.72 -2.57 -6.48
CA HIS A 271 30.74 -2.30 -5.04
C HIS A 271 30.59 -3.58 -4.23
N LEU A 272 29.67 -4.45 -4.65
CA LEU A 272 29.49 -5.74 -3.98
C LEU A 272 30.62 -6.70 -4.26
N LYS A 273 31.52 -6.36 -5.19
CA LYS A 273 32.63 -7.22 -5.58
C LYS A 273 32.13 -8.61 -5.93
N LEU A 274 31.20 -8.66 -6.88
CA LEU A 274 30.61 -9.93 -7.26
C LEU A 274 31.59 -10.70 -8.13
N PRO A 275 31.85 -11.97 -7.82
CA PRO A 275 32.69 -12.80 -8.68
C PRO A 275 31.99 -13.14 -9.99
N GLU A 276 32.76 -13.71 -10.92
CA GLU A 276 32.24 -14.06 -12.23
C GLU A 276 31.09 -15.05 -12.17
N SER A 277 31.02 -15.86 -11.10
CA SER A 277 29.97 -16.88 -11.01
C SER A 277 28.58 -16.28 -10.78
N VAL A 278 28.48 -15.04 -10.30
CA VAL A 278 27.18 -14.41 -10.08
C VAL A 278 26.66 -13.88 -11.42
N THR A 279 25.47 -14.33 -11.80
CA THR A 279 24.81 -13.81 -12.98
C THR A 279 24.10 -12.51 -12.64
N VAL A 280 24.38 -11.45 -13.39
CA VAL A 280 23.81 -10.13 -13.15
C VAL A 280 22.74 -9.86 -14.20
N CYS A 281 21.56 -9.39 -13.76
CA CYS A 281 20.48 -9.07 -14.69
C CYS A 281 20.82 -7.80 -15.45
N HIS A 282 20.81 -7.89 -16.77
CA HIS A 282 20.92 -6.70 -17.62
C HIS A 282 19.75 -6.66 -18.60
N ASP A 283 18.57 -7.10 -18.14
CA ASP A 283 17.39 -7.15 -18.99
C ASP A 283 16.93 -5.79 -19.47
N ILE A 284 17.46 -4.70 -18.90
CA ILE A 284 17.13 -3.36 -19.36
C ILE A 284 17.32 -3.24 -20.87
N ALA A 285 18.20 -4.09 -21.43
CA ALA A 285 18.53 -4.04 -22.87
C ALA A 285 17.29 -4.04 -23.75
N ASP A 286 16.34 -4.95 -23.50
CA ASP A 286 15.10 -4.94 -24.28
C ASP A 286 13.88 -4.62 -23.43
N MET A 287 14.07 -4.14 -22.22
CA MET A 287 12.96 -3.88 -21.31
C MET A 287 12.85 -2.43 -20.88
N GLY A 288 13.97 -1.72 -20.74
CA GLY A 288 13.82 -0.42 -20.14
C GLY A 288 13.44 -0.54 -18.66
N ASN A 289 12.85 0.55 -18.16
CA ASN A 289 12.59 0.74 -16.73
C ASN A 289 11.09 0.60 -16.51
N THR A 290 10.68 -0.53 -15.92
CA THR A 290 9.27 -0.81 -15.61
C THR A 290 8.94 -0.62 -14.12
N SER A 291 9.67 0.25 -13.42
CA SER A 291 9.40 0.63 -12.01
C SER A 291 9.14 -0.63 -11.17
N ALA A 292 8.04 -0.70 -10.41
CA ALA A 292 7.86 -1.82 -9.49
C ALA A 292 7.72 -3.15 -10.20
N ALA A 293 7.42 -3.17 -11.51
CA ALA A 293 7.33 -4.44 -12.22
C ALA A 293 8.69 -4.97 -12.64
N SER A 294 9.73 -4.16 -12.49
CA SER A 294 11.05 -4.49 -13.04
C SER A 294 11.59 -5.79 -12.48
N VAL A 295 11.68 -5.89 -11.16
CA VAL A 295 12.25 -7.09 -10.53
C VAL A 295 11.46 -8.35 -10.84
N PRO A 296 10.14 -8.40 -10.63
CA PRO A 296 9.46 -9.68 -10.87
C PRO A 296 9.43 -10.10 -12.33
N ILE A 297 9.37 -9.14 -13.27
CA ILE A 297 9.52 -9.51 -14.68
C ILE A 297 10.88 -10.14 -14.92
N ALA A 298 11.94 -9.50 -14.41
CA ALA A 298 13.29 -10.01 -14.65
C ALA A 298 13.50 -11.39 -14.01
N ILE A 299 12.97 -11.60 -12.81
CA ILE A 299 13.04 -12.94 -12.21
C ILE A 299 12.43 -13.95 -13.16
N ASP A 300 11.20 -13.68 -13.61
CA ASP A 300 10.51 -14.64 -14.47
C ASP A 300 11.29 -14.90 -15.75
N ARG A 301 11.81 -13.85 -16.37
CA ARG A 301 12.46 -14.00 -17.67
C ARG A 301 13.81 -14.66 -17.54
N MET A 302 14.55 -14.33 -16.48
CA MET A 302 15.84 -14.97 -16.27
C MET A 302 15.66 -16.46 -16.01
N LEU A 303 14.64 -16.83 -15.25
CA LEU A 303 14.35 -18.25 -15.07
C LEU A 303 13.96 -18.89 -16.40
N GLN A 304 13.19 -18.17 -17.21
CA GLN A 304 12.69 -18.71 -18.47
C GLN A 304 13.82 -18.99 -19.45
N ARG A 305 14.80 -18.10 -19.54
CA ARG A 305 15.88 -18.27 -20.49
C ARG A 305 17.07 -18.99 -19.88
N GLY A 306 16.92 -19.56 -18.67
CA GLY A 306 18.00 -20.31 -18.06
C GLY A 306 19.18 -19.49 -17.57
N GLN A 307 19.02 -18.17 -17.45
CA GLN A 307 20.07 -17.40 -16.79
C GLN A 307 20.04 -17.63 -15.28
N ALA A 308 18.87 -18.00 -14.75
CA ALA A 308 18.72 -18.37 -13.34
C ALA A 308 17.99 -19.69 -13.28
N HIS A 309 18.16 -20.40 -12.17
CA HIS A 309 17.58 -21.71 -11.99
C HIS A 309 16.92 -21.82 -10.63
N SER A 310 15.90 -22.69 -10.54
CA SER A 310 15.29 -23.05 -9.27
C SER A 310 16.36 -23.40 -8.26
N GLY A 311 16.21 -22.88 -7.05
CA GLY A 311 17.17 -23.11 -5.99
C GLY A 311 18.28 -22.11 -5.90
N ASP A 312 18.46 -21.27 -6.93
CA ASP A 312 19.46 -20.21 -6.89
C ASP A 312 19.12 -19.18 -5.80
N LEU A 313 20.16 -18.62 -5.19
CA LEU A 313 20.01 -17.46 -4.34
C LEU A 313 20.16 -16.21 -5.19
N ALA A 314 19.18 -15.30 -5.07
CA ALA A 314 19.16 -14.06 -5.82
C ALA A 314 19.01 -12.90 -4.85
N LEU A 315 19.87 -11.89 -4.99
CA LEU A 315 19.63 -10.61 -4.36
C LEU A 315 18.73 -9.80 -5.27
N ILE A 316 17.53 -9.42 -4.78
CA ILE A 316 16.65 -8.50 -5.46
C ILE A 316 16.64 -7.20 -4.67
N ILE A 317 16.70 -6.07 -5.37
CA ILE A 317 16.61 -4.79 -4.69
C ILE A 317 15.99 -3.76 -5.62
N GLY A 318 15.07 -2.97 -5.06
CA GLY A 318 14.43 -1.90 -5.77
C GLY A 318 14.70 -0.58 -5.09
N PHE A 319 14.64 0.50 -5.85
CA PHE A 319 14.97 1.82 -5.34
C PHE A 319 14.31 2.82 -6.26
N GLY A 320 13.67 3.83 -5.70
CA GLY A 320 12.97 4.77 -6.53
C GLY A 320 12.50 5.98 -5.75
N ALA A 321 11.47 6.62 -6.30
CA ALA A 321 11.03 7.92 -5.82
C ALA A 321 10.63 7.88 -4.34
N GLY A 322 10.94 8.97 -3.64
CA GLY A 322 10.72 9.03 -2.20
C GLY A 322 11.74 9.88 -1.46
N LEU A 323 13.02 9.55 -1.55
CA LEU A 323 13.55 8.33 -2.17
C LEU A 323 13.30 7.13 -1.26
N VAL A 324 13.02 5.95 -1.81
CA VAL A 324 12.82 4.75 -1.02
C VAL A 324 13.65 3.62 -1.61
N TYR A 325 13.92 2.61 -0.79
CA TYR A 325 14.65 1.42 -1.25
C TYR A 325 14.17 0.24 -0.42
N ALA A 326 14.38 -0.97 -0.96
CA ALA A 326 14.10 -2.21 -0.27
C ALA A 326 14.78 -3.34 -1.04
N GLY A 327 15.43 -4.24 -0.30
CA GLY A 327 16.14 -5.35 -0.91
C GLY A 327 16.19 -6.54 0.04
N GLN A 328 16.32 -7.73 -0.57
CA GLN A 328 16.42 -8.96 0.21
C GLN A 328 16.99 -10.05 -0.68
N VAL A 329 17.57 -11.06 -0.05
CA VAL A 329 17.98 -12.28 -0.74
C VAL A 329 16.82 -13.26 -0.71
N ILE A 330 16.52 -13.88 -1.86
CA ILE A 330 15.46 -14.87 -1.97
C ILE A 330 16.00 -16.10 -2.68
N ARG A 331 15.32 -17.22 -2.48
CA ARG A 331 15.58 -18.43 -3.22
C ARG A 331 14.57 -18.54 -4.36
N LEU A 332 15.08 -18.70 -5.58
CA LEU A 332 14.21 -18.76 -6.76
C LEU A 332 13.46 -20.08 -6.81
N PRO A 333 12.20 -20.08 -7.27
CA PRO A 333 11.36 -21.27 -7.32
C PRO A 333 11.71 -22.22 -8.47
N THR B 3 23.38 -23.92 -0.15
CA THR B 3 23.65 -22.78 0.76
C THR B 3 22.38 -22.18 1.39
N ALA B 4 22.36 -22.09 2.72
CA ALA B 4 21.23 -21.59 3.47
C ALA B 4 21.27 -20.07 3.60
N ILE B 5 20.10 -19.48 3.87
CA ILE B 5 20.03 -18.09 4.30
C ILE B 5 19.36 -18.08 5.67
N LYS B 6 19.52 -16.98 6.39
CA LYS B 6 18.89 -16.85 7.69
C LYS B 6 17.85 -15.73 7.68
N THR B 7 17.15 -15.61 8.81
CA THR B 7 16.14 -14.58 9.04
C THR B 7 16.41 -13.92 10.39
N ARG B 8 15.83 -12.73 10.60
CA ARG B 8 16.07 -11.98 11.83
C ARG B 8 15.50 -12.70 13.06
N PRO B 9 16.18 -12.59 14.21
CA PRO B 9 15.63 -13.15 15.45
C PRO B 9 14.29 -12.52 15.79
N VAL B 10 13.32 -13.36 16.12
CA VAL B 10 11.97 -12.95 16.48
C VAL B 10 11.89 -12.80 17.98
N HIS B 11 11.11 -11.82 18.45
CA HIS B 11 10.90 -11.64 19.86
C HIS B 11 9.65 -10.80 20.08
N GLY B 12 8.82 -11.22 21.02
CA GLY B 12 7.87 -10.26 21.53
C GLY B 12 6.69 -9.94 20.62
N TYR B 13 6.08 -8.79 20.91
CA TYR B 13 4.81 -8.42 20.31
C TYR B 13 4.87 -6.93 20.03
N SER B 14 3.72 -6.28 19.93
CA SER B 14 3.70 -4.84 19.73
C SER B 14 2.48 -4.25 20.42
N LYS B 15 2.48 -2.93 20.55
CA LYS B 15 1.38 -2.25 21.22
C LYS B 15 1.31 -0.82 20.70
N PHE B 16 0.11 -0.24 20.79
CA PHE B 16 -0.05 1.20 20.56
C PHE B 16 0.66 1.98 21.66
N LEU B 17 1.47 2.96 21.28
CA LEU B 17 2.09 3.90 22.21
C LEU B 17 1.36 5.23 22.33
N SER B 18 0.68 5.69 21.28
CA SER B 18 0.03 6.98 21.29
C SER B 18 -0.85 7.11 20.05
N THR B 19 -1.67 8.15 20.06
CA THR B 19 -2.53 8.51 18.93
C THR B 19 -2.52 10.03 18.78
N GLY B 20 -3.07 10.49 17.66
CA GLY B 20 -3.26 11.90 17.39
C GLY B 20 -4.18 12.03 16.20
N SER B 21 -4.81 13.19 16.07
CA SER B 21 -5.79 13.37 15.01
C SER B 21 -5.86 14.83 14.60
N ALA B 22 -6.31 15.04 13.36
CA ALA B 22 -6.45 16.39 12.83
C ALA B 22 -7.52 16.32 11.75
N ARG B 23 -8.69 16.89 12.03
CA ARG B 23 -9.77 16.90 11.06
C ARG B 23 -9.75 18.21 10.29
N GLY B 24 -10.47 18.22 9.16
CA GLY B 24 -10.70 19.47 8.46
C GLY B 24 -11.39 20.49 9.37
N SER B 25 -11.10 21.77 9.11
CA SER B 25 -11.56 22.87 9.96
C SER B 25 -12.94 23.38 9.58
N ARG B 26 -13.45 23.04 8.40
CA ARG B 26 -14.73 23.56 7.94
C ARG B 26 -15.85 22.67 8.45
N VAL B 27 -16.70 23.23 9.30
CA VAL B 27 -17.87 22.51 9.82
C VAL B 27 -18.99 22.65 8.81
N VAL B 28 -19.49 21.52 8.33
CA VAL B 28 -20.58 21.48 7.37
C VAL B 28 -21.75 20.79 8.06
N THR B 29 -22.69 21.58 8.55
CA THR B 29 -23.87 21.05 9.20
C THR B 29 -24.80 20.43 8.18
N ASN B 30 -25.75 19.63 8.67
CA ASN B 30 -26.78 19.10 7.78
C ASN B 30 -27.62 20.22 7.17
N LYS B 31 -27.82 21.29 7.93
CA LYS B 31 -28.54 22.46 7.40
C LYS B 31 -27.83 23.01 6.16
N GLU B 32 -26.51 23.25 6.26
CA GLU B 32 -25.79 23.69 5.09
C GLU B 32 -25.83 22.63 3.98
N MET B 33 -25.66 21.36 4.33
CA MET B 33 -25.72 20.30 3.32
C MET B 33 -27.02 20.34 2.55
N CYS B 34 -28.12 20.69 3.21
CA CYS B 34 -29.42 20.69 2.53
C CYS B 34 -29.68 21.93 1.71
N THR B 35 -28.75 22.88 1.68
CA THR B 35 -28.73 23.88 0.62
C THR B 35 -27.98 23.37 -0.61
N LEU B 36 -27.15 22.34 -0.46
CA LEU B 36 -26.39 21.82 -1.60
C LEU B 36 -27.08 20.65 -2.28
N ILE B 37 -27.82 19.83 -1.54
CA ILE B 37 -28.53 18.69 -2.11
C ILE B 37 -30.00 18.78 -1.72
N ASP B 38 -30.82 17.99 -2.41
CA ASP B 38 -32.26 17.97 -2.15
C ASP B 38 -32.55 16.92 -1.08
N SER B 39 -32.39 17.32 0.18
CA SER B 39 -32.69 16.45 1.31
C SER B 39 -33.08 17.35 2.49
N THR B 40 -33.32 16.72 3.64
CA THR B 40 -33.60 17.44 4.88
C THR B 40 -32.67 16.94 5.97
N PRO B 41 -32.36 17.78 6.97
CA PRO B 41 -31.50 17.31 8.07
C PRO B 41 -32.10 16.12 8.80
N GLU B 42 -33.42 16.09 8.96
CA GLU B 42 -34.06 14.97 9.62
C GLU B 42 -33.84 13.67 8.86
N TRP B 43 -33.96 13.71 7.53
CA TRP B 43 -33.78 12.50 6.76
C TRP B 43 -32.33 12.01 6.86
N ILE B 44 -31.36 12.91 6.70
CA ILE B 44 -29.95 12.53 6.81
C ILE B 44 -29.67 11.86 8.15
N GLU B 45 -30.15 12.48 9.23
CA GLU B 45 -29.89 11.97 10.57
C GLU B 45 -30.57 10.62 10.79
N GLN B 46 -31.81 10.46 10.31
CA GLN B 46 -32.47 9.18 10.51
C GLN B 46 -31.78 8.07 9.72
N ARG B 47 -31.26 8.39 8.54
CA ARG B 47 -30.66 7.34 7.71
C ARG B 47 -29.29 6.92 8.21
N THR B 48 -28.51 7.84 8.78
CA THR B 48 -27.09 7.60 9.06
C THR B 48 -26.65 7.96 10.45
N GLY B 49 -27.36 8.82 11.18
CA GLY B 49 -26.88 9.36 12.43
C GLY B 49 -25.98 10.57 12.30
N ILE B 50 -25.70 11.03 11.09
CA ILE B 50 -24.85 12.21 10.89
C ILE B 50 -25.68 13.48 11.13
N THR B 51 -25.16 14.39 11.97
CA THR B 51 -25.70 15.74 12.03
C THR B 51 -24.76 16.79 11.46
N GLU B 52 -23.46 16.50 11.39
CA GLU B 52 -22.51 17.40 10.76
C GLU B 52 -21.25 16.59 10.43
N ARG B 53 -20.38 17.19 9.63
CA ARG B 53 -19.13 16.56 9.23
C ARG B 53 -18.11 17.67 8.97
N ARG B 54 -16.83 17.30 9.01
CA ARG B 54 -15.74 18.22 8.75
C ARG B 54 -15.26 18.08 7.31
N TRP B 55 -15.05 19.22 6.64
CA TRP B 55 -14.36 19.25 5.37
C TRP B 55 -13.09 20.07 5.55
N ALA B 56 -12.08 19.74 4.76
CA ALA B 56 -10.83 20.47 4.80
C ALA B 56 -10.92 21.76 3.98
N THR B 57 -10.24 22.79 4.44
CA THR B 57 -10.11 24.02 3.68
C THR B 57 -9.06 23.82 2.60
N ASN B 58 -8.97 24.79 1.69
CA ASN B 58 -8.03 24.66 0.58
C ASN B 58 -6.58 24.61 1.06
N SER B 59 -6.27 25.15 2.24
CA SER B 59 -4.90 25.02 2.75
C SER B 59 -4.67 23.74 3.55
N GLU B 60 -5.71 22.97 3.83
CA GLU B 60 -5.56 21.72 4.58
C GLU B 60 -5.50 20.59 3.57
N THR B 61 -4.32 20.03 3.36
CA THR B 61 -4.10 18.94 2.42
C THR B 61 -4.03 17.60 3.18
N VAL B 62 -4.01 16.50 2.44
CA VAL B 62 -3.80 15.23 3.14
C VAL B 62 -2.41 15.21 3.73
N ALA B 63 -1.44 15.85 3.07
CA ALA B 63 -0.10 15.92 3.64
C ALA B 63 -0.06 16.76 4.91
N SER B 64 -0.73 17.92 4.93
CA SER B 64 -0.68 18.76 6.12
C SER B 64 -1.50 18.16 7.27
N MET B 65 -2.70 17.62 7.00
CA MET B 65 -3.47 16.98 8.07
C MET B 65 -2.76 15.73 8.58
N GLY B 66 -2.25 14.92 7.66
CA GLY B 66 -1.47 13.75 8.07
C GLY B 66 -0.29 14.11 8.94
N THR B 67 0.46 15.15 8.56
CA THR B 67 1.61 15.59 9.36
C THR B 67 1.17 16.06 10.75
N THR B 68 0.11 16.86 10.83
CA THR B 68 -0.36 17.39 12.12
C THR B 68 -0.74 16.26 13.07
N ALA B 69 -1.60 15.34 12.62
CA ALA B 69 -1.95 14.16 13.43
C ALA B 69 -0.68 13.40 13.85
N ALA B 70 0.26 13.24 12.93
CA ALA B 70 1.44 12.46 13.25
C ALA B 70 2.31 13.17 14.29
N ARG B 71 2.46 14.50 14.16
CA ARG B 71 3.21 15.27 15.14
C ARG B 71 2.61 15.14 16.53
N THR B 72 1.28 15.16 16.64
CA THR B 72 0.64 14.97 17.93
C THR B 72 0.95 13.60 18.50
N ALA B 73 0.79 12.55 17.69
CA ALA B 73 1.11 11.20 18.13
C ALA B 73 2.58 11.08 18.53
N LEU B 74 3.47 11.71 17.78
CA LEU B 74 4.89 11.65 18.10
C LEU B 74 5.19 12.31 19.45
N GLU B 75 4.60 13.48 19.68
CA GLU B 75 4.84 14.17 20.95
C GLU B 75 4.33 13.34 22.13
N ARG B 76 3.14 12.75 21.98
CA ARG B 76 2.55 11.98 23.08
C ARG B 76 3.29 10.69 23.36
N SER B 77 4.12 10.21 22.43
CA SER B 77 4.77 8.92 22.58
C SER B 77 6.09 9.00 23.34
N GLY B 78 6.67 10.19 23.47
CA GLY B 78 7.98 10.30 24.08
C GLY B 78 9.14 9.82 23.23
N LEU B 79 8.91 9.52 21.95
CA LEU B 79 10.01 9.19 21.06
C LEU B 79 10.53 10.44 20.36
N GLU B 80 11.77 10.37 19.92
CA GLU B 80 12.29 11.31 18.93
C GLU B 80 11.84 10.87 17.54
N ALA B 81 11.69 11.83 16.64
CA ALA B 81 11.39 11.54 15.24
C ALA B 81 12.39 10.55 14.66
N SER B 82 13.67 10.68 15.04
CA SER B 82 14.73 9.83 14.52
C SER B 82 14.59 8.37 14.94
N GLN B 83 13.69 8.06 15.87
CA GLN B 83 13.50 6.65 16.23
C GLN B 83 12.45 5.96 15.39
N ILE B 84 11.62 6.70 14.66
CA ILE B 84 10.63 6.08 13.78
C ILE B 84 11.37 5.41 12.63
N ASP B 85 11.12 4.11 12.42
CA ASP B 85 11.78 3.47 11.30
C ASP B 85 10.81 2.80 10.33
N ALA B 86 9.51 3.08 10.44
CA ALA B 86 8.54 2.78 9.39
C ALA B 86 7.40 3.78 9.48
N ILE B 87 6.90 4.21 8.33
CA ILE B 87 5.70 5.04 8.26
C ILE B 87 4.81 4.43 7.20
N ILE B 88 3.57 4.11 7.57
CA ILE B 88 2.57 3.57 6.68
C ILE B 88 1.42 4.56 6.61
N VAL B 89 1.05 4.96 5.41
CA VAL B 89 -0.04 5.91 5.21
C VAL B 89 -1.15 5.19 4.48
N ALA B 90 -2.32 5.13 5.09
CA ALA B 90 -3.50 4.52 4.50
C ALA B 90 -4.40 5.61 3.97
N THR B 91 -4.65 5.60 2.67
CA THR B 91 -5.36 6.69 2.03
C THR B 91 -5.82 6.24 0.65
N VAL B 92 -6.92 6.85 0.18
CA VAL B 92 -7.27 6.86 -1.23
C VAL B 92 -7.26 8.27 -1.79
N SER B 93 -6.69 9.22 -1.04
CA SER B 93 -6.82 10.65 -1.34
C SER B 93 -5.50 11.29 -1.72
N HIS B 94 -4.45 10.50 -1.95
CA HIS B 94 -3.17 11.05 -2.39
C HIS B 94 -3.18 11.00 -3.91
N HIS B 95 -3.48 12.14 -4.53
CA HIS B 95 -3.71 12.16 -5.98
C HIS B 95 -2.45 12.48 -6.76
N ARG B 96 -1.32 11.98 -6.30
CA ARG B 96 -0.08 12.06 -7.06
C ARG B 96 0.43 10.64 -7.22
N PRO B 97 0.77 10.19 -8.42
CA PRO B 97 1.21 8.79 -8.55
C PRO B 97 2.40 8.45 -7.67
N SER B 98 3.38 9.34 -7.54
CA SER B 98 4.68 9.05 -6.96
C SER B 98 5.41 10.37 -6.76
N PRO B 99 6.15 10.57 -5.65
CA PRO B 99 6.34 9.61 -4.54
C PRO B 99 5.11 9.51 -3.63
N SER B 100 5.15 8.60 -2.67
CA SER B 100 4.00 8.30 -1.84
C SER B 100 3.72 9.43 -0.85
N LEU B 101 2.50 9.43 -0.30
CA LEU B 101 2.19 10.38 0.76
C LEU B 101 3.04 10.11 1.99
N ALA B 102 3.36 8.85 2.26
CA ALA B 102 4.28 8.50 3.33
C ALA B 102 5.61 9.24 3.17
N ALA B 103 6.11 9.34 1.94
CA ALA B 103 7.36 10.04 1.71
C ALA B 103 7.23 11.54 1.97
N TYR B 104 6.14 12.18 1.53
CA TYR B 104 5.94 13.61 1.79
C TYR B 104 5.84 13.89 3.28
N ILE B 105 5.12 13.03 4.02
CA ILE B 105 4.98 13.25 5.46
C ILE B 105 6.28 12.96 6.18
N ALA B 106 7.00 11.91 5.76
CA ALA B 106 8.31 11.63 6.33
C ALA B 106 9.22 12.84 6.19
N ARG B 107 9.16 13.52 5.04
CA ARG B 107 10.00 14.70 4.86
C ARG B 107 9.55 15.83 5.77
N GLU B 108 8.24 16.01 5.97
CA GLU B 108 7.79 17.07 6.86
C GLU B 108 8.24 16.81 8.29
N LEU B 109 8.16 15.56 8.74
CA LEU B 109 8.57 15.20 10.09
C LEU B 109 10.08 15.13 10.25
N GLY B 110 10.84 15.16 9.17
CA GLY B 110 12.27 14.97 9.31
C GLY B 110 12.66 13.57 9.75
N LEU B 111 11.93 12.55 9.32
CA LEU B 111 12.31 11.19 9.62
C LEU B 111 13.63 10.86 8.92
N GLY B 112 14.38 9.94 9.50
CA GLY B 112 15.56 9.48 8.80
C GLY B 112 15.27 8.27 7.96
N ASP B 113 16.01 7.19 8.19
CA ASP B 113 16.00 6.02 7.32
C ASP B 113 14.83 5.10 7.67
N ALA B 114 13.63 5.56 7.36
CA ALA B 114 12.42 4.83 7.69
C ALA B 114 11.83 4.16 6.45
N ALA B 115 11.45 2.90 6.57
CA ALA B 115 10.61 2.28 5.55
C ALA B 115 9.33 3.10 5.36
N ALA B 116 8.95 3.35 4.11
CA ALA B 116 7.86 4.30 3.85
C ALA B 116 7.02 3.83 2.67
N PHE B 117 5.73 3.59 2.91
CA PHE B 117 4.85 3.22 1.80
C PHE B 117 3.43 3.65 2.11
N ASP B 118 2.66 3.92 1.04
CA ASP B 118 1.22 4.10 1.09
C ASP B 118 0.53 2.75 0.90
N LEU B 119 -0.61 2.59 1.56
CA LEU B 119 -1.42 1.38 1.46
C LEU B 119 -2.83 1.79 1.05
N ASN B 120 -3.40 1.08 0.07
CA ASN B 120 -4.79 1.29 -0.34
C ASN B 120 -5.58 0.08 0.12
N GLY B 121 -6.30 0.23 1.23
CA GLY B 121 -7.22 -0.76 1.73
C GLY B 121 -8.59 -0.14 1.94
N ALA B 122 -8.88 0.93 1.18
CA ALA B 122 -10.13 1.66 1.30
C ALA B 122 -10.39 2.04 2.76
N ALA B 123 -11.65 2.01 3.19
CA ALA B 123 -11.93 2.34 4.60
C ALA B 123 -11.41 1.28 5.57
N ALA B 124 -10.95 0.12 5.11
CA ALA B 124 -10.29 -0.83 5.98
C ALA B 124 -8.80 -0.54 6.14
N GLY B 125 -8.30 0.56 5.56
CA GLY B 125 -6.86 0.74 5.43
C GLY B 125 -6.10 0.86 6.73
N PHE B 126 -6.69 1.51 7.75
CA PHE B 126 -5.97 1.66 9.01
C PHE B 126 -5.79 0.32 9.72
N CYS B 127 -6.84 -0.51 9.70
CA CYS B 127 -6.74 -1.84 10.31
C CYS B 127 -5.79 -2.74 9.51
N TYR B 128 -5.79 -2.65 8.17
CA TYR B 128 -4.75 -3.34 7.39
C TYR B 128 -3.37 -2.90 7.83
N SER B 129 -3.15 -1.58 7.94
CA SER B 129 -1.83 -1.07 8.28
C SER B 129 -1.42 -1.41 9.70
N THR B 130 -2.39 -1.44 10.62
CA THR B 130 -2.10 -1.85 11.99
C THR B 130 -1.59 -3.29 12.03
N ALA B 131 -2.27 -4.21 11.34
CA ALA B 131 -1.83 -5.60 11.30
C ALA B 131 -0.43 -5.73 10.70
N LEU B 132 -0.14 -4.98 9.62
CA LEU B 132 1.20 -5.04 9.03
C LEU B 132 2.25 -4.50 9.99
N ALA B 133 1.97 -3.37 10.64
CA ALA B 133 2.91 -2.81 11.60
C ALA B 133 3.26 -3.84 12.67
N ASP B 134 2.24 -4.52 13.22
CA ASP B 134 2.46 -5.56 14.22
C ASP B 134 3.35 -6.67 13.66
N SER B 135 3.05 -7.13 12.44
CA SER B 135 3.85 -8.18 11.84
C SER B 135 5.27 -7.73 11.57
N MET B 136 5.44 -6.49 11.10
CA MET B 136 6.78 -5.97 10.83
C MET B 136 7.60 -5.92 12.11
N ILE B 137 7.01 -5.40 13.19
CA ILE B 137 7.72 -5.30 14.45
C ILE B 137 8.12 -6.68 14.96
N ARG B 138 7.17 -7.62 14.96
CA ARG B 138 7.45 -8.94 15.52
C ARG B 138 8.49 -9.72 14.72
N THR B 139 8.60 -9.49 13.41
CA THR B 139 9.63 -10.15 12.62
C THR B 139 10.88 -9.31 12.45
N GLY B 140 10.97 -8.15 13.12
CA GLY B 140 12.21 -7.40 13.19
C GLY B 140 12.51 -6.44 12.06
N SER B 141 11.58 -6.21 11.13
CA SER B 141 11.84 -5.26 10.05
C SER B 141 11.54 -3.82 10.44
N ALA B 142 10.95 -3.61 11.61
CA ALA B 142 10.74 -2.27 12.15
C ALA B 142 10.67 -2.37 13.66
N ASN B 143 10.82 -1.22 14.31
CA ASN B 143 10.76 -1.10 15.77
C ASN B 143 9.70 -0.13 16.24
N TYR B 144 9.61 1.04 15.61
CA TYR B 144 8.59 2.03 15.93
C TYR B 144 7.94 2.46 14.63
N VAL B 145 6.65 2.17 14.49
CA VAL B 145 5.94 2.32 13.23
C VAL B 145 4.90 3.42 13.42
N LEU B 146 4.97 4.42 12.55
CA LEU B 146 3.95 5.47 12.48
C LEU B 146 2.92 5.07 11.45
N VAL B 147 1.66 4.92 11.87
CA VAL B 147 0.57 4.54 11.00
C VAL B 147 -0.42 5.71 10.92
N ILE B 148 -0.72 6.14 9.70
CA ILE B 148 -1.60 7.29 9.47
C ILE B 148 -2.71 6.89 8.52
N GLY B 149 -3.96 7.10 8.92
CA GLY B 149 -5.08 7.08 8.01
C GLY B 149 -5.52 8.51 7.76
N VAL B 150 -5.56 8.90 6.48
CA VAL B 150 -5.85 10.29 6.13
C VAL B 150 -6.65 10.31 4.85
N GLU B 151 -7.70 11.14 4.82
CA GLU B 151 -8.55 11.24 3.64
C GLU B 151 -9.01 12.68 3.44
N LYS B 152 -9.29 13.02 2.18
CA LYS B 152 -9.95 14.28 1.85
C LYS B 152 -11.05 13.96 0.83
N LEU B 153 -12.09 13.28 1.33
CA LEU B 153 -13.13 12.76 0.47
C LEU B 153 -14.08 13.84 -0.06
N SER B 154 -14.10 15.01 0.55
CA SER B 154 -14.99 16.05 0.04
C SER B 154 -14.64 16.42 -1.40
N GLU B 155 -13.37 16.38 -1.78
CA GLU B 155 -13.01 16.66 -3.17
C GLU B 155 -13.63 15.65 -4.14
N MET B 156 -13.94 14.44 -3.69
CA MET B 156 -14.51 13.42 -4.58
C MET B 156 -15.98 13.16 -4.31
N THR B 157 -16.64 14.04 -3.57
CA THR B 157 -18.05 13.87 -3.23
C THR B 157 -18.91 14.46 -4.34
N ASN B 158 -19.95 13.73 -4.73
CA ASN B 158 -20.82 14.15 -5.83
C ASN B 158 -21.99 14.94 -5.24
N LEU B 159 -21.90 16.27 -5.29
CA LEU B 159 -22.97 17.10 -4.75
C LEU B 159 -24.27 16.98 -5.53
N ASP B 160 -24.24 16.39 -6.72
CA ASP B 160 -25.45 16.10 -7.46
C ASP B 160 -26.03 14.73 -7.13
N ASP B 161 -25.45 14.01 -6.18
CA ASP B 161 -25.91 12.68 -5.82
C ASP B 161 -26.44 12.75 -4.40
N ARG B 162 -27.77 12.90 -4.27
CA ARG B 162 -28.28 13.09 -2.92
C ARG B 162 -28.21 11.82 -2.09
N SER B 163 -27.89 10.68 -2.67
CA SER B 163 -27.79 9.46 -1.89
C SER B 163 -26.44 9.28 -1.23
N THR B 164 -25.42 10.06 -1.61
CA THR B 164 -24.11 9.94 -0.98
C THR B 164 -23.46 11.24 -0.56
N ALA B 165 -23.92 12.39 -1.05
CA ALA B 165 -23.18 13.64 -0.85
C ALA B 165 -23.04 13.99 0.63
N PHE B 166 -23.97 13.55 1.47
CA PHE B 166 -23.98 13.88 2.89
C PHE B 166 -23.08 12.96 3.72
N LEU B 167 -22.43 11.97 3.10
CA LEU B 167 -21.71 10.95 3.85
C LEU B 167 -20.30 11.36 4.24
N PHE B 168 -19.54 12.01 3.37
CA PHE B 168 -18.09 11.93 3.43
C PHE B 168 -17.44 13.14 4.08
N SER B 169 -16.26 12.92 4.65
CA SER B 169 -15.57 13.97 5.39
C SER B 169 -14.07 13.81 5.22
N ASP B 170 -13.32 14.75 5.81
CA ASP B 170 -11.89 14.91 5.61
C ASP B 170 -11.18 14.95 6.95
N GLY B 171 -10.03 14.29 7.03
CA GLY B 171 -9.25 14.33 8.26
C GLY B 171 -8.18 13.25 8.25
N ALA B 172 -7.36 13.31 9.29
CA ALA B 172 -6.26 12.37 9.49
C ALA B 172 -6.28 11.86 10.93
N GLY B 173 -5.99 10.58 11.09
CA GLY B 173 -5.72 10.03 12.41
C GLY B 173 -4.44 9.23 12.35
N ALA B 174 -3.70 9.24 13.47
CA ALA B 174 -2.36 8.67 13.50
C ALA B 174 -2.17 7.88 14.78
N ALA B 175 -1.26 6.92 14.72
CA ALA B 175 -0.91 6.11 15.87
C ALA B 175 0.54 5.70 15.69
N ILE B 176 1.25 5.60 16.82
CA ILE B 176 2.59 5.02 16.84
C ILE B 176 2.51 3.70 17.56
N ILE B 177 3.07 2.67 16.92
CA ILE B 177 3.07 1.29 17.40
C ILE B 177 4.51 0.89 17.67
N GLY B 178 4.74 0.17 18.77
CA GLY B 178 6.10 -0.17 19.18
C GLY B 178 6.19 -1.58 19.72
N ALA B 179 7.43 -2.06 19.80
CA ALA B 179 7.66 -3.40 20.34
C ALA B 179 7.17 -3.49 21.78
N SER B 180 6.76 -4.69 22.19
CA SER B 180 6.17 -4.89 23.50
C SER B 180 6.48 -6.30 23.97
N ASP B 181 6.55 -6.47 25.30
CA ASP B 181 6.79 -7.78 25.88
C ASP B 181 5.54 -8.62 25.98
N GLU B 182 4.38 -8.00 26.08
CA GLU B 182 3.12 -8.69 26.07
C GLU B 182 2.27 -8.16 24.91
N PRO B 183 1.30 -8.95 24.42
CA PRO B 183 0.58 -8.56 23.21
C PRO B 183 -0.33 -7.36 23.45
N GLY B 184 -0.12 -6.31 22.66
CA GLY B 184 -1.03 -5.17 22.65
C GLY B 184 -1.94 -5.13 21.44
N ILE B 185 -1.73 -6.04 20.48
CA ILE B 185 -2.47 -6.10 19.23
C ILE B 185 -2.79 -7.56 18.93
N GLY B 186 -4.07 -7.89 18.81
CA GLY B 186 -4.48 -9.25 18.53
C GLY B 186 -4.36 -9.60 17.06
N PRO B 187 -4.65 -10.87 16.76
CA PRO B 187 -4.55 -11.34 15.37
C PRO B 187 -5.53 -10.62 14.45
N VAL B 188 -5.07 -10.24 13.26
CA VAL B 188 -5.97 -9.62 12.30
C VAL B 188 -6.91 -10.66 11.73
N VAL B 189 -8.16 -10.27 11.52
CA VAL B 189 -9.10 -11.02 10.69
C VAL B 189 -9.41 -10.11 9.51
N TRP B 190 -9.00 -10.53 8.31
CA TRP B 190 -9.10 -9.63 7.17
C TRP B 190 -9.37 -10.43 5.92
N GLY B 191 -9.87 -9.75 4.91
CA GLY B 191 -10.13 -10.42 3.65
C GLY B 191 -10.83 -9.48 2.70
N SER B 192 -11.59 -10.07 1.78
CA SER B 192 -12.21 -9.29 0.72
C SER B 192 -13.35 -10.10 0.15
N ARG B 193 -14.22 -9.40 -0.57
CA ARG B 193 -15.35 -9.96 -1.26
C ARG B 193 -15.38 -9.27 -2.63
N SER B 194 -14.39 -9.61 -3.48
CA SER B 194 -14.20 -8.87 -4.73
C SER B 194 -15.26 -9.18 -5.77
N ASP B 195 -16.06 -10.23 -5.58
CA ASP B 195 -17.20 -10.43 -6.47
C ASP B 195 -18.29 -9.39 -6.22
N GLN B 196 -18.16 -8.60 -5.15
CA GLN B 196 -19.07 -7.50 -4.86
C GLN B 196 -18.46 -6.15 -5.17
N LEU B 197 -17.40 -6.12 -6.00
CA LEU B 197 -16.63 -4.91 -6.23
C LEU B 197 -17.51 -3.74 -6.65
N LYS B 198 -18.53 -3.99 -7.47
CA LYS B 198 -19.31 -2.92 -8.07
C LYS B 198 -20.12 -2.13 -7.05
N THR B 199 -20.14 -2.57 -5.79
CA THR B 199 -20.91 -1.89 -4.75
C THR B 199 -20.40 -0.48 -4.48
N ILE B 200 -19.09 -0.26 -4.58
CA ILE B 200 -18.48 1.05 -4.33
C ILE B 200 -17.37 1.23 -5.37
N GLU B 201 -17.54 2.18 -6.27
CA GLU B 201 -16.51 2.47 -7.27
C GLU B 201 -16.34 3.96 -7.42
N LEU B 202 -15.10 4.43 -7.33
CA LEU B 202 -14.77 5.80 -7.68
C LEU B 202 -14.39 5.87 -9.17
N GLU B 203 -14.63 7.03 -9.78
CA GLU B 203 -14.26 7.20 -11.18
C GLU B 203 -12.75 7.14 -11.35
N ASP B 204 -12.32 6.77 -12.56
CA ASP B 204 -10.90 6.76 -12.89
C ASP B 204 -10.42 8.19 -13.10
N TRP B 205 -9.21 8.48 -12.64
CA TRP B 205 -8.64 9.80 -12.88
C TRP B 205 -8.58 10.20 -14.35
N PRO B 206 -8.22 9.33 -15.31
CA PRO B 206 -8.24 9.76 -16.73
C PRO B 206 -9.59 10.25 -17.20
N THR B 207 -10.67 9.63 -16.72
CA THR B 207 -12.02 10.09 -17.01
C THR B 207 -12.25 11.49 -16.47
N ALA B 208 -11.85 11.73 -15.23
CA ALA B 208 -12.00 13.07 -14.65
C ALA B 208 -11.12 14.08 -15.37
N SER B 209 -9.91 13.67 -15.75
CA SER B 209 -8.99 14.60 -16.40
C SER B 209 -9.53 15.05 -17.75
N ALA B 210 -10.10 14.12 -18.52
CA ALA B 210 -10.64 14.43 -19.84
C ALA B 210 -11.87 15.34 -19.76
N ASP B 211 -12.58 15.32 -18.63
CA ASP B 211 -13.83 16.06 -18.46
C ASP B 211 -13.55 17.54 -18.25
N PRO B 212 -13.92 18.40 -19.20
CA PRO B 212 -13.64 19.84 -19.03
C PRO B 212 -14.32 20.48 -17.83
N ASN B 213 -15.39 19.88 -17.28
CA ASN B 213 -16.12 20.53 -16.19
C ASN B 213 -15.88 19.86 -14.84
N LYS B 214 -14.75 19.18 -14.67
CA LYS B 214 -14.52 18.42 -13.46
C LYS B 214 -13.03 18.44 -13.17
N ILE B 215 -12.66 18.49 -11.89
CA ILE B 215 -11.25 18.27 -11.54
C ILE B 215 -11.07 16.83 -11.08
N HIS B 216 -11.78 16.43 -9.96
CA HIS B 216 -11.59 15.18 -9.25
C HIS B 216 -12.57 14.10 -9.69
N PRO B 217 -12.17 12.83 -9.68
CA PRO B 217 -13.16 11.76 -9.85
C PRO B 217 -14.13 11.74 -8.69
N LEU B 218 -15.26 11.09 -8.90
CA LEU B 218 -16.39 11.11 -7.99
C LEU B 218 -16.66 9.74 -7.39
N ILE B 219 -17.21 9.75 -6.19
CA ILE B 219 -17.60 8.52 -5.49
C ILE B 219 -18.99 8.10 -5.95
N ARG B 220 -19.15 6.82 -6.26
CA ARG B 220 -20.45 6.19 -6.47
C ARG B 220 -20.55 5.00 -5.53
N MET B 221 -21.74 4.79 -4.95
CA MET B 221 -21.91 3.82 -3.87
C MET B 221 -23.32 3.25 -3.89
N GLU B 222 -23.44 1.94 -3.66
CA GLU B 222 -24.74 1.27 -3.47
C GLU B 222 -24.92 1.01 -1.97
N GLY B 223 -25.45 2.02 -1.27
CA GLY B 223 -25.43 1.99 0.18
C GLY B 223 -26.21 0.84 0.78
N ARG B 224 -27.28 0.43 0.11
CA ARG B 224 -28.12 -0.63 0.67
C ARG B 224 -27.47 -1.99 0.50
N ALA B 225 -26.73 -2.19 -0.60
CA ALA B 225 -25.86 -3.36 -0.71
C ALA B 225 -24.73 -3.31 0.33
N VAL B 226 -24.18 -2.12 0.59
CA VAL B 226 -23.17 -1.99 1.64
C VAL B 226 -23.74 -2.42 2.98
N PHE B 227 -24.95 -1.95 3.31
CA PHE B 227 -25.55 -2.29 4.59
C PHE B 227 -25.78 -3.79 4.71
N LYS B 228 -26.40 -4.40 3.70
CA LYS B 228 -26.66 -5.84 3.77
C LYS B 228 -25.37 -6.61 3.99
N TRP B 229 -24.32 -6.24 3.26
CA TRP B 229 -23.03 -6.90 3.44
C TRP B 229 -22.47 -6.65 4.85
N ALA B 230 -22.48 -5.39 5.29
CA ALA B 230 -21.91 -5.09 6.60
C ALA B 230 -22.68 -5.81 7.71
N MET B 231 -24.01 -5.83 7.63
CA MET B 231 -24.80 -6.49 8.69
C MET B 231 -24.56 -7.99 8.72
N THR B 232 -24.52 -8.65 7.55
CA THR B 232 -24.49 -10.11 7.53
C THR B 232 -23.09 -10.70 7.51
N ASP B 233 -22.16 -10.11 6.76
CA ASP B 233 -20.82 -10.70 6.65
C ASP B 233 -19.78 -10.04 7.55
N VAL B 234 -19.69 -8.71 7.53
CA VAL B 234 -18.68 -8.03 8.35
C VAL B 234 -18.93 -8.26 9.84
N ALA B 235 -20.20 -8.36 10.23
CA ALA B 235 -20.51 -8.66 11.64
C ALA B 235 -19.89 -9.99 12.06
N LYS B 236 -19.94 -11.00 11.18
CA LYS B 236 -19.34 -12.29 11.49
C LYS B 236 -17.82 -12.18 11.62
N ARG B 237 -17.19 -11.35 10.77
CA ARG B 237 -15.74 -11.20 10.85
C ARG B 237 -15.35 -10.48 12.15
N ALA B 238 -16.14 -9.48 12.54
CA ALA B 238 -15.93 -8.85 13.83
C ALA B 238 -15.96 -9.87 14.96
N ALA B 239 -16.96 -10.77 14.97
CA ALA B 239 -17.00 -11.82 15.98
C ALA B 239 -15.75 -12.68 15.95
N GLU B 240 -15.21 -12.95 14.75
CA GLU B 240 -14.02 -13.79 14.65
C GLU B 240 -12.79 -13.10 15.22
N ALA B 241 -12.64 -11.79 15.00
CA ALA B 241 -11.47 -11.09 15.53
C ALA B 241 -11.45 -11.08 17.06
N ILE B 242 -12.63 -11.01 17.69
CA ILE B 242 -12.70 -11.15 19.14
C ILE B 242 -12.28 -12.55 19.56
N ALA B 243 -12.85 -13.57 18.91
CA ALA B 243 -12.48 -14.95 19.20
C ALA B 243 -10.98 -15.19 19.00
N GLU B 244 -10.43 -14.74 17.86
CA GLU B 244 -9.00 -14.92 17.60
C GLU B 244 -8.14 -14.32 18.71
N ALA B 245 -8.61 -13.26 19.35
CA ALA B 245 -7.81 -12.67 20.42
C ALA B 245 -7.94 -13.44 21.72
N GLY B 246 -8.72 -14.52 21.75
CA GLY B 246 -8.87 -15.34 22.94
C GLY B 246 -9.75 -14.73 24.01
N ILE B 247 -10.64 -13.81 23.65
CA ILE B 247 -11.53 -13.17 24.60
C ILE B 247 -12.96 -13.33 24.12
N THR B 248 -13.89 -12.92 24.96
CA THR B 248 -15.29 -12.89 24.60
C THR B 248 -15.73 -11.44 24.42
N PRO B 249 -16.88 -11.19 23.79
CA PRO B 249 -17.36 -9.81 23.68
C PRO B 249 -17.48 -9.10 25.02
N ALA B 250 -17.86 -9.81 26.08
CA ALA B 250 -17.98 -9.17 27.38
C ALA B 250 -16.63 -8.68 27.92
N ASP B 251 -15.51 -9.25 27.45
CA ASP B 251 -14.20 -8.79 27.87
C ASP B 251 -13.80 -7.46 27.22
N LEU B 252 -14.50 -7.05 26.17
CA LEU B 252 -14.19 -5.78 25.52
C LEU B 252 -14.54 -4.61 26.44
N ASP B 253 -13.75 -3.56 26.36
CA ASP B 253 -14.14 -2.29 26.95
C ASP B 253 -14.77 -1.33 25.95
N VAL B 254 -14.33 -1.39 24.69
CA VAL B 254 -14.72 -0.44 23.65
C VAL B 254 -14.93 -1.20 22.34
N PHE B 255 -15.89 -0.74 21.54
CA PHE B 255 -16.09 -1.23 20.18
C PHE B 255 -16.00 -0.02 19.24
N ILE B 256 -15.00 -0.03 18.36
CA ILE B 256 -14.76 1.12 17.49
C ILE B 256 -14.75 0.67 16.04
N PRO B 257 -15.91 0.51 15.42
CA PRO B 257 -15.94 0.19 14.00
C PRO B 257 -15.75 1.46 13.19
N HIS B 258 -15.22 1.29 11.97
CA HIS B 258 -15.27 2.33 10.97
C HIS B 258 -16.64 3.00 10.99
N GLN B 259 -16.65 4.33 11.05
CA GLN B 259 -17.88 5.10 11.21
C GLN B 259 -18.48 5.36 9.83
N ALA B 260 -19.37 4.46 9.40
CA ALA B 260 -20.00 4.56 8.10
C ALA B 260 -21.48 4.81 8.18
N ASN B 261 -22.15 4.23 9.17
CA ASN B 261 -23.60 4.36 9.30
C ASN B 261 -23.98 3.88 10.70
N ASP B 262 -24.74 4.68 11.45
CA ASP B 262 -25.03 4.29 12.83
C ASP B 262 -25.84 3.00 12.88
N ARG B 263 -26.64 2.73 11.85
CA ARG B 263 -27.39 1.48 11.83
C ARG B 263 -26.46 0.29 11.60
N ILE B 264 -25.40 0.45 10.80
CA ILE B 264 -24.41 -0.60 10.67
C ILE B 264 -23.73 -0.86 12.01
N THR B 265 -23.30 0.21 12.69
CA THR B 265 -22.67 0.05 13.99
C THR B 265 -23.59 -0.70 14.96
N ASP B 266 -24.88 -0.38 14.94
CA ASP B 266 -25.81 -0.97 15.90
C ASP B 266 -26.09 -2.44 15.59
N VAL B 267 -26.28 -2.80 14.32
CA VAL B 267 -26.55 -4.21 14.03
C VAL B 267 -25.34 -5.06 14.32
N VAL B 268 -24.12 -4.54 14.08
CA VAL B 268 -22.94 -5.32 14.41
C VAL B 268 -22.81 -5.47 15.92
N SER B 269 -23.11 -4.41 16.67
CA SER B 269 -23.12 -4.49 18.13
C SER B 269 -24.08 -5.56 18.63
N ARG B 270 -25.28 -5.62 18.06
CA ARG B 270 -26.25 -6.61 18.52
C ARG B 270 -25.87 -8.01 18.07
N HIS B 271 -25.31 -8.15 16.87
CA HIS B 271 -24.81 -9.46 16.44
C HIS B 271 -23.73 -9.96 17.38
N LEU B 272 -22.87 -9.06 17.84
CA LEU B 272 -21.83 -9.44 18.80
C LEU B 272 -22.38 -9.62 20.20
N LYS B 273 -23.63 -9.24 20.44
CA LYS B 273 -24.25 -9.30 21.77
C LYS B 273 -23.38 -8.59 22.81
N LEU B 274 -23.01 -7.35 22.51
CA LEU B 274 -22.18 -6.60 23.43
C LEU B 274 -22.99 -6.27 24.69
N PRO B 275 -22.46 -6.52 25.88
CA PRO B 275 -23.14 -6.07 27.11
C PRO B 275 -23.05 -4.56 27.25
N GLU B 276 -23.81 -4.05 28.23
CA GLU B 276 -23.94 -2.61 28.44
C GLU B 276 -22.60 -1.97 28.79
N SER B 277 -21.71 -2.71 29.46
CA SER B 277 -20.41 -2.14 29.84
C SER B 277 -19.53 -1.80 28.65
N VAL B 278 -19.80 -2.36 27.47
CA VAL B 278 -18.99 -2.07 26.29
C VAL B 278 -19.40 -0.72 25.72
N THR B 279 -18.44 0.19 25.60
CA THR B 279 -18.69 1.50 25.00
C THR B 279 -18.59 1.40 23.47
N VAL B 280 -19.66 1.78 22.77
CA VAL B 280 -19.69 1.72 21.31
C VAL B 280 -19.44 3.11 20.74
N CYS B 281 -18.55 3.20 19.76
CA CYS B 281 -18.31 4.48 19.09
C CYS B 281 -19.48 4.82 18.16
N HIS B 282 -20.07 5.98 18.37
CA HIS B 282 -21.06 6.53 17.47
C HIS B 282 -20.68 7.95 17.09
N ASP B 283 -19.37 8.18 16.89
CA ASP B 283 -18.89 9.49 16.53
C ASP B 283 -19.25 9.92 15.12
N ILE B 284 -19.88 9.04 14.31
CA ILE B 284 -20.39 9.46 13.02
C ILE B 284 -21.29 10.70 13.15
N ALA B 285 -21.88 10.90 14.33
CA ALA B 285 -22.78 12.02 14.61
C ALA B 285 -22.21 13.36 14.16
N ASP B 286 -20.94 13.64 14.45
CA ASP B 286 -20.32 14.87 13.99
C ASP B 286 -19.07 14.64 13.14
N MET B 287 -18.81 13.39 12.73
CA MET B 287 -17.68 13.02 11.87
C MET B 287 -18.07 12.80 10.42
N GLY B 288 -19.21 12.17 10.17
CA GLY B 288 -19.42 11.62 8.86
C GLY B 288 -18.47 10.44 8.63
N ASN B 289 -18.29 10.11 7.35
CA ASN B 289 -17.50 8.98 6.90
C ASN B 289 -16.15 9.50 6.41
N THR B 290 -15.08 9.28 7.19
CA THR B 290 -13.73 9.70 6.83
C THR B 290 -12.86 8.53 6.34
N SER B 291 -13.47 7.45 5.84
CA SER B 291 -12.77 6.29 5.23
C SER B 291 -11.66 5.82 6.15
N ALA B 292 -10.41 5.65 5.66
CA ALA B 292 -9.37 5.04 6.48
C ALA B 292 -8.98 5.89 7.69
N ALA B 293 -9.32 7.17 7.71
CA ALA B 293 -9.05 7.99 8.88
C ALA B 293 -10.05 7.76 10.01
N SER B 294 -11.17 7.08 9.73
CA SER B 294 -12.28 7.03 10.67
C SER B 294 -11.87 6.41 12.01
N VAL B 295 -11.22 5.25 11.97
CA VAL B 295 -10.91 4.53 13.21
C VAL B 295 -9.87 5.26 14.05
N PRO B 296 -8.74 5.72 13.48
CA PRO B 296 -7.76 6.41 14.34
C PRO B 296 -8.24 7.76 14.86
N ILE B 297 -9.09 8.48 14.11
CA ILE B 297 -9.69 9.69 14.67
C ILE B 297 -10.60 9.34 15.85
N ALA B 298 -11.45 8.33 15.66
CA ALA B 298 -12.38 7.93 16.73
C ALA B 298 -11.63 7.48 17.97
N ILE B 299 -10.57 6.67 17.80
CA ILE B 299 -9.76 6.28 18.96
C ILE B 299 -9.25 7.52 19.69
N ASP B 300 -8.66 8.44 18.95
CA ASP B 300 -8.06 9.62 19.56
C ASP B 300 -9.11 10.48 20.26
N ARG B 301 -10.26 10.69 19.62
CA ARG B 301 -11.26 11.57 20.21
C ARG B 301 -11.96 10.92 21.40
N MET B 302 -12.21 9.61 21.32
CA MET B 302 -12.80 8.90 22.45
C MET B 302 -11.87 8.92 23.66
N LEU B 303 -10.57 8.75 23.44
CA LEU B 303 -9.62 8.90 24.54
C LEU B 303 -9.66 10.32 25.09
N GLN B 304 -9.74 11.32 24.20
CA GLN B 304 -9.65 12.71 24.63
C GLN B 304 -10.81 13.09 25.54
N ARG B 305 -12.03 12.65 25.19
CA ARG B 305 -13.21 13.03 25.93
C ARG B 305 -13.51 12.08 27.09
N GLY B 306 -12.63 11.12 27.35
CA GLY B 306 -12.81 10.20 28.45
C GLY B 306 -13.84 9.12 28.22
N GLN B 307 -14.32 8.96 26.98
CA GLN B 307 -15.20 7.86 26.64
C GLN B 307 -14.45 6.53 26.65
N ALA B 308 -13.18 6.56 26.30
CA ALA B 308 -12.31 5.40 26.37
C ALA B 308 -11.11 5.76 27.23
N HIS B 309 -10.43 4.73 27.72
CA HIS B 309 -9.33 4.94 28.64
C HIS B 309 -8.14 4.10 28.27
N SER B 310 -6.95 4.66 28.49
CA SER B 310 -5.70 3.94 28.40
C SER B 310 -5.81 2.57 29.05
N GLY B 311 -5.43 1.53 28.31
CA GLY B 311 -5.52 0.17 28.80
C GLY B 311 -6.80 -0.56 28.48
N ASP B 312 -7.81 0.13 27.93
CA ASP B 312 -9.04 -0.56 27.53
C ASP B 312 -8.73 -1.54 26.40
N LEU B 313 -9.52 -2.61 26.33
CA LEU B 313 -9.51 -3.50 25.17
C LEU B 313 -10.55 -3.01 24.16
N ALA B 314 -10.12 -2.80 22.92
CA ALA B 314 -11.00 -2.24 21.89
C ALA B 314 -10.96 -3.16 20.68
N LEU B 315 -12.13 -3.51 20.17
CA LEU B 315 -12.24 -4.10 18.85
C LEU B 315 -12.36 -2.96 17.85
N ILE B 316 -11.40 -2.86 16.93
CA ILE B 316 -11.46 -1.94 15.80
C ILE B 316 -11.66 -2.78 14.55
N ILE B 317 -12.56 -2.32 13.67
CA ILE B 317 -12.78 -3.01 12.41
C ILE B 317 -13.06 -1.99 11.33
N GLY B 318 -12.44 -2.19 10.17
CA GLY B 318 -12.70 -1.37 9.00
C GLY B 318 -13.22 -2.21 7.87
N PHE B 319 -13.98 -1.58 6.99
CA PHE B 319 -14.61 -2.29 5.89
C PHE B 319 -14.95 -1.23 4.84
N GLY B 320 -14.80 -1.57 3.57
CA GLY B 320 -14.99 -0.57 2.54
C GLY B 320 -14.89 -1.16 1.16
N ALA B 321 -14.63 -0.26 0.20
CA ALA B 321 -14.66 -0.59 -1.23
C ALA B 321 -13.71 -1.73 -1.55
N GLY B 322 -14.15 -2.64 -2.41
CA GLY B 322 -13.35 -3.80 -2.75
C GLY B 322 -14.19 -5.01 -3.11
N LEU B 323 -15.07 -5.48 -2.22
CA LEU B 323 -15.17 -5.05 -0.82
C LEU B 323 -14.01 -5.63 -0.01
N VAL B 324 -13.49 -4.88 0.96
CA VAL B 324 -12.41 -5.38 1.81
C VAL B 324 -12.79 -5.10 3.25
N TYR B 325 -12.15 -5.85 4.16
CA TYR B 325 -12.38 -5.65 5.59
C TYR B 325 -11.13 -6.08 6.33
N ALA B 326 -10.98 -5.57 7.55
CA ALA B 326 -9.90 -5.94 8.44
C ALA B 326 -10.24 -5.44 9.84
N GLY B 327 -10.00 -6.28 10.83
CA GLY B 327 -10.25 -5.89 12.21
C GLY B 327 -9.36 -6.68 13.14
N GLN B 328 -9.18 -6.14 14.35
CA GLN B 328 -8.37 -6.78 15.39
C GLN B 328 -8.72 -6.15 16.73
N VAL B 329 -8.41 -6.88 17.80
CA VAL B 329 -8.49 -6.35 19.16
C VAL B 329 -7.16 -5.68 19.51
N ILE B 330 -7.21 -4.46 20.03
CA ILE B 330 -6.02 -3.76 20.48
C ILE B 330 -6.22 -3.28 21.92
N ARG B 331 -5.12 -2.99 22.59
CA ARG B 331 -5.14 -2.32 23.89
C ARG B 331 -4.87 -0.84 23.67
N LEU B 332 -5.78 0.03 24.10
CA LEU B 332 -5.63 1.46 23.85
C LEU B 332 -4.46 2.02 24.64
N PRO B 333 -3.72 3.00 24.08
CA PRO B 333 -2.52 3.55 24.73
C PRO B 333 -2.86 4.53 25.83
#